data_8VYO
#
_entry.id   8VYO
#
_cell.length_a   1.00
_cell.length_b   1.00
_cell.length_c   1.00
_cell.angle_alpha   90.00
_cell.angle_beta   90.00
_cell.angle_gamma   90.00
#
_symmetry.space_group_name_H-M   'P 1'
#
loop_
_entity.id
_entity.type
_entity.pdbx_description
1 polymer 'Serine/threonine-protein kinase B-raf'
2 polymer '14-3-3 protein zeta/delta'
3 non-polymer 'ZINC ION'
#
loop_
_entity_poly.entity_id
_entity_poly.type
_entity_poly.pdbx_seq_one_letter_code
_entity_poly.pdbx_strand_id
1 'polypeptide(L)'
;GMAALSGGGGGGAEPGQALFNGDMEPEAGAGAGAAASSAADPAIPEEVWNIKQMIKLTQEHIEALLDKFGGEHNPPSIYL
EAYEEYTSKLDALQQREQQLLESLGNGTDFSVSSSASMDTVTSSSSSSLSVLPSSLSVFQNPTDVARSNPKSPQKPIVRV
FLPNKQRTVVPARCGVTVRDSLKKALMMRGLIPECCAVYRIQDGEKKPIGWDTDISWLTGEELHVEVLENVPLTTHNFVR
KTFFTLAFCDFCRKLLFQGFRCQTCGYKFHQRCSTEVPLMCVNYDQLDLLFVSKFFEHHPIPQEEASLAETALTSGSSPS
APASDSIGPQILTSPSPSKSIPIPQPFRPADEDHRNQFGQRDRSS(SEP)APNVHINTIEPVNIDDLIRDQGFRGDGGST
TGLSATPPASLPGSLTNVKALQKSPGPQRERKSSSSSEDRNRMKTLGRRDSSDDWEIPDGQITVGQRIGSGSFGTVYKGK
WHGDVAVKMLNVTAPTPQQLQAFKNEVGVLRKTRHVNILLFMGYSTKPQLAIVTQWCEGSSLYHHLHIIETKFEMIKLID
IARQTAQGMDYLHAKSIIHRDLKSNNIFLHEDLTVKIGDFGLATVKSRWSGSHQFEQLSGSILWMAPEVIRMQDKNPYSF
QSDVYAFGIVLYELMTGQLPYSNINNRDQIIFMVGRGYLSPDLSKVRSNCPKAMKRLMAECLKKKRDERPLFPQILASIE
LLARSLPKIHRSA(SEP)EPSLNRAGFQTEDFSLYACASPKTPIQAGGYGAFPVH
;
A
2 'polypeptide(L)'
;DKNELVQKAKLAEQAERYDDMAACMKSVTEQGAELSNEERNLLSVAYKNVVGARRSSWRVVSSIEQKTEGAEKKQQMARE
YREKIETELRDICNDVLSLLEKFLIPNASQAESKVFYLKMKGDYYRYLAEVAAGDDKKGIVDQSQQAYQEAFEISKKEMQ
PTHPIRLGLALNFSVFYYEILNSPEKACSLAKTAFDEAIAELDTLSEESYKDSTLIMQLLRDNLTLWTS
;
B,C
#
loop_
_chem_comp.id
_chem_comp.type
_chem_comp.name
_chem_comp.formula
ZN non-polymer 'ZINC ION' 'Zn 2'
#
# COMPACT_ATOMS: atom_id res chain seq x y z
N HIS A 236 -3.45 -9.61 16.08
CA HIS A 236 -3.32 -9.59 14.64
C HIS A 236 -3.82 -10.88 14.00
N ASN A 237 -4.39 -10.74 12.80
CA ASN A 237 -4.79 -11.87 11.96
C ASN A 237 -4.23 -11.61 10.57
N PHE A 238 -3.94 -12.69 9.84
CA PHE A 238 -3.10 -12.60 8.65
C PHE A 238 -3.72 -13.34 7.49
N VAL A 239 -3.41 -12.86 6.28
CA VAL A 239 -3.70 -13.56 5.04
C VAL A 239 -2.44 -13.51 4.18
N ARG A 240 -2.25 -14.54 3.37
CA ARG A 240 -1.20 -14.49 2.36
C ARG A 240 -1.59 -13.46 1.31
N LYS A 241 -0.61 -12.69 0.85
CA LYS A 241 -0.87 -11.67 -0.15
C LYS A 241 0.35 -11.47 -1.04
N THR A 242 0.11 -11.45 -2.35
CA THR A 242 1.02 -10.84 -3.29
C THR A 242 0.81 -9.34 -3.31
N PHE A 243 1.90 -8.58 -3.16
CA PHE A 243 1.85 -7.12 -3.29
C PHE A 243 2.23 -6.71 -4.71
N PHE A 244 1.22 -6.31 -5.48
CA PHE A 244 1.35 -5.90 -6.86
C PHE A 244 1.93 -4.50 -7.00
N THR A 245 2.33 -3.86 -5.90
CA THR A 245 2.88 -2.52 -5.93
C THR A 245 4.01 -2.41 -4.94
N LEU A 246 4.83 -1.38 -5.13
CA LEU A 246 5.92 -1.09 -4.21
C LEU A 246 5.43 -1.02 -2.78
N ALA A 247 5.94 -1.92 -1.94
CA ALA A 247 5.52 -2.04 -0.55
C ALA A 247 6.67 -2.63 0.26
N PHE A 248 6.66 -2.37 1.56
CA PHE A 248 7.81 -2.67 2.42
C PHE A 248 7.41 -3.55 3.61
N CYS A 249 8.38 -4.33 4.06
CA CYS A 249 8.20 -5.30 5.15
C CYS A 249 8.42 -4.60 6.49
N ASP A 250 7.35 -4.45 7.27
CA ASP A 250 7.38 -3.55 8.41
C ASP A 250 8.39 -3.99 9.46
N PHE A 251 8.73 -5.27 9.51
CA PHE A 251 9.70 -5.71 10.51
C PHE A 251 11.10 -5.24 10.17
N CYS A 252 11.43 -5.11 8.89
CA CYS A 252 12.80 -4.84 8.47
C CYS A 252 12.89 -3.75 7.41
N ARG A 253 11.76 -3.20 6.99
CA ARG A 253 11.68 -2.07 6.05
C ARG A 253 12.27 -2.38 4.69
N LYS A 254 12.59 -3.64 4.40
CA LYS A 254 13.01 -4.02 3.06
C LYS A 254 11.81 -4.24 2.15
N LEU A 255 12.07 -4.25 0.85
CA LEU A 255 11.02 -4.52 -0.12
C LEU A 255 10.40 -5.90 0.12
N LEU A 256 9.09 -5.97 -0.02
CA LEU A 256 8.37 -7.23 0.00
C LEU A 256 7.55 -7.36 -1.28
N PHE A 257 7.87 -8.37 -2.08
CA PHE A 257 6.99 -8.76 -3.16
C PHE A 257 5.90 -9.71 -2.69
N GLN A 258 6.28 -10.73 -1.95
CA GLN A 258 5.40 -11.86 -1.67
C GLN A 258 5.45 -12.17 -0.19
N GLY A 259 4.30 -12.43 0.39
CA GLY A 259 4.24 -12.75 1.81
C GLY A 259 2.87 -12.60 2.42
N PHE A 260 2.73 -11.70 3.38
CA PHE A 260 1.54 -11.62 4.21
C PHE A 260 1.06 -10.18 4.32
N ARG A 261 -0.17 -10.05 4.78
CA ARG A 261 -0.72 -8.81 5.30
C ARG A 261 -1.48 -9.13 6.58
N CYS A 262 -1.27 -8.34 7.62
CA CYS A 262 -2.17 -8.40 8.76
C CYS A 262 -3.51 -7.79 8.38
N GLN A 263 -4.55 -8.60 8.39
CA GLN A 263 -5.79 -8.19 7.77
C GLN A 263 -6.46 -7.08 8.57
N THR A 264 -6.12 -6.95 9.85
CA THR A 264 -6.60 -5.85 10.69
C THR A 264 -5.61 -4.71 10.82
N CYS A 265 -4.37 -4.87 10.36
CA CYS A 265 -3.32 -3.91 10.69
C CYS A 265 -2.39 -3.57 9.55
N GLY A 266 -2.38 -4.35 8.47
CA GLY A 266 -1.42 -4.18 7.40
C GLY A 266 -0.01 -4.65 7.71
N TYR A 267 0.37 -4.63 8.98
CA TYR A 267 1.68 -5.12 9.37
C TYR A 267 1.86 -6.53 8.83
N LYS A 268 3.07 -6.86 8.39
CA LYS A 268 3.34 -8.18 7.82
C LYS A 268 4.67 -8.71 8.29
N PHE A 269 4.69 -9.98 8.71
CA PHE A 269 5.92 -10.55 9.24
C PHE A 269 6.95 -10.67 8.14
N HIS A 270 8.23 -10.63 8.52
CA HIS A 270 9.31 -10.80 7.57
C HIS A 270 9.51 -12.30 7.31
N GLN A 271 8.58 -12.85 6.56
CA GLN A 271 8.75 -14.17 5.99
C GLN A 271 8.07 -14.17 4.63
N ASP A 362 15.17 -17.71 0.93
CA ASP A 362 15.15 -16.29 0.60
C ASP A 362 15.47 -16.07 -0.87
N ARG A 363 15.05 -14.94 -1.39
CA ARG A 363 15.15 -14.64 -2.81
C ARG A 363 15.73 -13.25 -3.02
N SER A 364 16.48 -13.10 -4.11
CA SER A 364 16.95 -11.80 -4.52
C SER A 364 15.81 -10.93 -5.01
N SER A 365 15.95 -9.62 -4.84
CA SER A 365 14.97 -8.68 -5.36
C SER A 365 15.16 -8.45 -6.86
N SEP A 366 14.06 -8.16 -7.54
CA SEP A 366 14.10 -7.63 -8.90
CB SEP A 366 12.91 -8.14 -9.69
OG SEP A 366 12.89 -9.55 -9.65
C SEP A 366 14.10 -6.12 -8.91
O SEP A 366 14.19 -5.48 -7.87
P SEP A 366 11.57 -10.05 -10.37
O1P SEP A 366 11.31 -9.17 -11.69
O2P SEP A 366 10.34 -9.89 -9.34
O3P SEP A 366 11.75 -11.59 -10.78
H SEP A 366 13.26 -8.28 -7.25
HA SEP A 366 14.92 -7.93 -9.34
HB2 SEP A 366 12.10 -7.79 -9.31
HB3 SEP A 366 13.00 -7.85 -10.61
N ALA A 367 13.99 -5.54 -10.10
CA ALA A 367 13.53 -4.17 -10.25
C ALA A 367 12.02 -4.09 -10.09
N PRO A 368 11.54 -3.19 -9.23
CA PRO A 368 10.10 -3.03 -9.09
C PRO A 368 9.51 -2.28 -10.28
N ASN A 369 8.19 -2.30 -10.33
CA ASN A 369 7.45 -1.37 -11.17
C ASN A 369 7.52 0.05 -10.60
N VAL A 370 7.66 1.03 -11.48
CA VAL A 370 7.70 2.43 -11.08
C VAL A 370 6.80 3.22 -12.01
N HIS A 371 6.01 4.12 -11.43
CA HIS A 371 5.11 4.94 -12.22
C HIS A 371 4.77 6.21 -11.45
N GLN A 462 8.71 43.64 7.33
CA GLN A 462 8.19 43.68 8.69
C GLN A 462 8.63 42.44 9.47
N ARG A 463 8.80 42.61 10.77
CA ARG A 463 9.22 41.51 11.64
C ARG A 463 8.12 40.47 11.80
N ILE A 464 8.54 39.22 12.01
CA ILE A 464 7.65 38.11 12.33
C ILE A 464 7.97 37.51 13.69
N GLY A 465 9.24 37.38 14.01
CA GLY A 465 9.66 36.89 15.32
C GLY A 465 11.07 36.34 15.27
N SER A 466 11.51 35.84 16.41
CA SER A 466 12.84 35.25 16.52
C SER A 466 12.97 33.97 15.71
N GLY A 467 11.86 33.38 15.28
CA GLY A 467 11.90 32.21 14.45
C GLY A 467 12.31 30.96 15.21
N SER A 468 12.73 29.96 14.43
CA SER A 468 13.31 28.76 15.01
C SER A 468 14.68 29.05 15.64
N PHE A 469 15.62 29.54 14.82
CA PHE A 469 16.90 30.02 15.34
C PHE A 469 17.42 31.17 14.49
N GLY A 470 16.54 31.85 13.76
CA GLY A 470 16.90 33.05 13.03
C GLY A 470 15.71 33.98 12.92
N THR A 471 15.92 35.25 13.26
CA THR A 471 14.82 36.20 13.38
C THR A 471 14.23 36.49 12.00
N VAL A 472 12.91 36.35 11.91
CA VAL A 472 12.20 36.18 10.63
C VAL A 472 11.55 37.50 10.25
N TYR A 473 11.68 37.88 8.99
CA TYR A 473 11.12 39.11 8.48
C TYR A 473 10.46 38.85 7.14
N LYS A 474 9.31 39.49 6.93
CA LYS A 474 8.63 39.48 5.63
C LYS A 474 9.33 40.43 4.65
N GLY A 475 10.60 40.13 4.40
CA GLY A 475 11.39 40.93 3.49
C GLY A 475 10.83 40.86 2.08
N LYS A 476 11.38 41.70 1.21
CA LYS A 476 10.93 41.74 -0.17
C LYS A 476 12.11 42.02 -1.09
N TRP A 477 12.13 41.31 -2.22
CA TRP A 477 12.91 41.65 -3.39
C TRP A 477 12.28 40.90 -4.55
N HIS A 478 12.73 41.19 -5.77
CA HIS A 478 12.18 40.57 -6.95
C HIS A 478 12.01 39.06 -6.74
N GLY A 479 10.76 38.60 -6.74
CA GLY A 479 10.42 37.22 -6.47
C GLY A 479 9.88 36.90 -5.09
N ASP A 480 9.28 37.86 -4.39
CA ASP A 480 8.59 37.62 -3.12
C ASP A 480 9.48 36.95 -2.08
N VAL A 481 10.77 37.27 -2.08
CA VAL A 481 11.71 36.66 -1.15
C VAL A 481 11.58 37.30 0.23
N ALA A 482 11.14 36.51 1.21
CA ALA A 482 11.23 36.89 2.61
C ALA A 482 12.68 36.79 3.09
N VAL A 483 12.91 37.29 4.31
CA VAL A 483 14.26 37.34 4.89
C VAL A 483 14.18 36.91 6.35
N LYS A 484 15.22 36.19 6.80
CA LYS A 484 15.49 36.00 8.22
C LYS A 484 16.98 36.18 8.48
N MET A 485 17.31 36.55 9.72
CA MET A 485 18.65 36.98 10.10
C MET A 485 19.25 36.02 11.12
N LEU A 486 20.58 35.96 11.17
CA LEU A 486 21.26 35.22 12.23
C LEU A 486 20.72 35.66 13.60
N ASN A 487 20.66 34.71 14.52
CA ASN A 487 20.55 35.00 15.94
C ASN A 487 21.94 34.95 16.58
N VAL A 488 22.17 34.18 17.64
CA VAL A 488 23.31 34.36 18.54
C VAL A 488 24.65 33.97 17.92
N THR A 489 24.67 33.01 16.99
CA THR A 489 25.94 32.59 16.42
C THR A 489 26.60 33.74 15.67
N ALA A 490 27.80 34.09 16.11
CA ALA A 490 28.58 35.16 15.50
C ALA A 490 28.98 34.78 14.06
N PRO A 491 29.13 35.77 13.17
CA PRO A 491 29.56 35.52 11.79
C PRO A 491 31.06 35.28 11.67
N THR A 492 31.56 34.32 12.44
CA THR A 492 32.97 33.97 12.35
C THR A 492 33.30 33.37 10.98
N PRO A 493 34.55 33.49 10.53
CA PRO A 493 34.91 32.93 9.21
C PRO A 493 34.72 31.42 9.10
N GLN A 494 34.96 30.66 10.18
CA GLN A 494 34.70 29.23 10.13
C GLN A 494 33.22 28.94 9.91
N GLN A 495 32.36 29.56 10.70
CA GLN A 495 30.92 29.38 10.55
C GLN A 495 30.41 30.03 9.26
N LEU A 496 30.95 31.19 8.91
CA LEU A 496 30.67 31.79 7.61
C LEU A 496 30.99 30.85 6.46
N GLN A 497 32.15 30.19 6.52
CA GLN A 497 32.50 29.22 5.48
C GLN A 497 31.56 28.02 5.50
N ALA A 498 31.19 27.54 6.69
CA ALA A 498 30.21 26.46 6.79
C ALA A 498 28.86 26.86 6.23
N PHE A 499 28.39 28.08 6.54
CA PHE A 499 27.17 28.59 5.94
C PHE A 499 27.28 28.68 4.43
N LYS A 500 28.39 29.24 3.93
CA LYS A 500 28.61 29.26 2.48
C LYS A 500 28.61 27.86 1.87
N ASN A 501 29.09 26.86 2.61
CA ASN A 501 29.03 25.48 2.11
C ASN A 501 27.61 24.93 2.15
N GLU A 502 26.88 25.17 3.23
CA GLU A 502 25.48 24.75 3.30
C GLU A 502 24.63 25.46 2.25
N VAL A 503 24.80 26.77 2.12
CA VAL A 503 24.22 27.49 0.98
C VAL A 503 24.67 26.88 -0.33
N GLY A 504 25.94 26.50 -0.42
CA GLY A 504 26.45 25.80 -1.58
C GLY A 504 25.81 24.45 -1.85
N VAL A 505 24.96 23.96 -0.94
CA VAL A 505 24.00 22.91 -1.29
C VAL A 505 22.64 23.51 -1.61
N LEU A 506 22.07 24.27 -0.66
CA LEU A 506 20.66 24.64 -0.76
C LEU A 506 20.38 25.51 -1.98
N ARG A 507 21.32 26.40 -2.33
CA ARG A 507 21.18 27.22 -3.52
C ARG A 507 21.26 26.40 -4.81
N LYS A 508 21.69 25.14 -4.73
CA LYS A 508 21.68 24.26 -5.90
C LYS A 508 20.40 23.45 -5.99
N THR A 509 19.96 22.89 -4.87
CA THR A 509 18.79 22.02 -4.86
C THR A 509 17.51 22.83 -5.07
N ARG A 510 16.66 22.34 -5.98
CA ARG A 510 15.28 22.78 -6.11
C ARG A 510 14.39 21.55 -6.20
N HIS A 511 13.26 21.58 -5.49
CA HIS A 511 12.37 20.43 -5.46
C HIS A 511 10.95 20.91 -5.20
N VAL A 512 9.98 20.18 -5.76
CA VAL A 512 8.60 20.65 -5.80
C VAL A 512 8.02 20.92 -4.42
N ASN A 513 8.47 20.20 -3.40
CA ASN A 513 7.96 20.42 -2.05
C ASN A 513 8.93 21.19 -1.17
N ILE A 514 9.93 21.83 -1.76
CA ILE A 514 10.88 22.67 -1.03
C ILE A 514 10.76 24.08 -1.57
N LEU A 515 10.76 25.06 -0.66
CA LEU A 515 10.79 26.45 -1.06
C LEU A 515 12.16 26.81 -1.59
N LEU A 516 12.19 27.61 -2.65
CA LEU A 516 13.43 27.90 -3.36
C LEU A 516 14.34 28.73 -2.48
N PHE A 517 15.53 28.20 -2.19
CA PHE A 517 16.61 28.99 -1.64
C PHE A 517 17.23 29.84 -2.74
N MET A 518 17.09 31.17 -2.63
CA MET A 518 17.43 32.08 -3.71
C MET A 518 18.83 32.68 -3.58
N GLY A 519 19.34 32.83 -2.37
CA GLY A 519 20.68 33.32 -2.18
C GLY A 519 20.91 33.76 -0.75
N TYR A 520 22.10 34.33 -0.52
CA TYR A 520 22.51 34.80 0.80
C TYR A 520 22.76 36.30 0.78
N SER A 521 22.34 36.95 1.88
CA SER A 521 22.60 38.38 2.05
C SER A 521 24.09 38.64 2.22
N THR A 522 24.64 39.53 1.39
CA THR A 522 26.08 39.66 1.27
C THR A 522 26.70 40.33 2.50
N LYS A 523 25.93 41.13 3.22
CA LYS A 523 26.44 41.79 4.42
C LYS A 523 26.80 40.78 5.51
N PRO A 524 27.71 41.18 6.42
CA PRO A 524 27.87 40.45 7.68
C PRO A 524 26.58 40.44 8.48
N GLN A 525 26.56 39.58 9.50
CA GLN A 525 25.31 39.15 10.16
C GLN A 525 24.36 38.57 9.13
N LEU A 526 24.73 37.37 8.70
CA LEU A 526 24.19 36.76 7.50
C LEU A 526 22.66 36.70 7.57
N ALA A 527 22.05 36.76 6.40
CA ALA A 527 20.60 36.67 6.30
C ALA A 527 20.23 35.93 5.03
N ILE A 528 19.05 35.31 5.05
CA ILE A 528 18.62 34.37 4.03
C ILE A 528 17.58 35.06 3.17
N VAL A 529 17.72 34.93 1.86
CA VAL A 529 16.71 35.38 0.92
C VAL A 529 16.07 34.14 0.30
N THR A 530 14.77 33.96 0.55
CA THR A 530 14.08 32.76 0.12
C THR A 530 12.61 33.08 -0.10
N GLN A 531 12.01 32.41 -1.08
CA GLN A 531 10.65 32.72 -1.49
C GLN A 531 9.65 32.26 -0.43
N TRP A 532 8.67 33.12 -0.15
CA TRP A 532 7.44 32.74 0.55
C TRP A 532 6.26 32.78 -0.41
N CYS A 533 5.49 31.71 -0.41
CA CYS A 533 4.33 31.57 -1.29
C CYS A 533 3.08 31.83 -0.46
N GLU A 534 2.16 32.62 -1.00
CA GLU A 534 0.98 33.00 -0.27
C GLU A 534 0.06 31.80 -0.03
N GLY A 535 -0.80 31.94 0.97
CA GLY A 535 -1.33 30.83 1.73
C GLY A 535 -0.51 30.58 2.98
N SER A 536 -1.19 30.18 4.05
CA SER A 536 -0.67 30.29 5.40
C SER A 536 0.46 29.29 5.65
N SER A 537 1.17 29.51 6.75
CA SER A 537 1.87 28.41 7.40
C SER A 537 0.90 27.33 7.85
N LEU A 538 1.38 26.10 7.86
CA LEU A 538 0.59 25.00 8.38
C LEU A 538 0.21 25.22 9.84
N TYR A 539 1.05 25.95 10.57
CA TYR A 539 0.69 26.35 11.94
C TYR A 539 -0.66 27.05 12.00
N HIS A 540 -0.96 27.88 11.00
CA HIS A 540 -2.21 28.63 10.98
C HIS A 540 -3.43 27.74 10.83
N HIS A 541 -3.45 26.90 9.80
CA HIS A 541 -4.57 26.00 9.59
C HIS A 541 -4.82 25.09 10.79
N LEU A 542 -3.75 24.67 11.48
CA LEU A 542 -3.90 23.85 12.68
C LEU A 542 -4.41 24.65 13.87
N HIS A 543 -3.64 25.65 14.31
CA HIS A 543 -3.79 26.22 15.64
C HIS A 543 -4.47 27.56 15.67
N ILE A 544 -4.48 28.29 14.55
CA ILE A 544 -5.29 29.50 14.48
C ILE A 544 -6.74 29.18 14.13
N ILE A 545 -6.99 28.13 13.34
CA ILE A 545 -8.32 27.81 12.85
C ILE A 545 -8.72 26.38 13.21
N GLU A 546 -7.84 25.42 12.97
CA GLU A 546 -8.23 24.04 12.70
C GLU A 546 -9.20 23.99 11.52
N THR A 547 -8.73 24.45 10.37
CA THR A 547 -9.56 24.52 9.17
C THR A 547 -10.11 23.14 8.82
N LYS A 548 -11.43 23.02 8.81
CA LYS A 548 -12.09 21.76 8.52
C LYS A 548 -12.00 21.46 7.02
N PHE A 549 -11.42 20.32 6.68
CA PHE A 549 -11.29 19.91 5.29
C PHE A 549 -11.21 18.39 5.22
N GLU A 550 -11.38 17.87 4.01
CA GLU A 550 -11.48 16.43 3.79
C GLU A 550 -10.23 15.68 4.23
N MET A 551 -10.45 14.55 4.89
CA MET A 551 -9.36 13.74 5.44
C MET A 551 -8.38 13.29 4.37
N ILE A 552 -8.87 13.07 3.15
CA ILE A 552 -7.97 12.69 2.06
C ILE A 552 -6.94 13.78 1.79
N LYS A 553 -7.29 15.03 2.06
CA LYS A 553 -6.32 16.11 1.93
C LYS A 553 -5.33 16.13 3.09
N LEU A 554 -5.74 15.67 4.26
CA LEU A 554 -4.79 15.43 5.34
C LEU A 554 -3.72 14.43 4.91
N ILE A 555 -4.13 13.31 4.31
CA ILE A 555 -3.16 12.38 3.75
C ILE A 555 -2.28 13.07 2.71
N ASP A 556 -2.91 13.85 1.83
CA ASP A 556 -2.18 14.54 0.78
C ASP A 556 -1.12 15.47 1.36
N ILE A 557 -1.50 16.26 2.36
CA ILE A 557 -0.51 17.12 3.02
C ILE A 557 0.64 16.28 3.55
N ALA A 558 0.32 15.18 4.22
CA ALA A 558 1.36 14.29 4.71
C ALA A 558 2.20 13.72 3.58
N ARG A 559 1.57 13.42 2.44
CA ARG A 559 2.33 12.91 1.30
C ARG A 559 3.31 13.94 0.77
N GLN A 560 2.82 15.14 0.46
CA GLN A 560 3.68 16.13 -0.19
C GLN A 560 4.77 16.63 0.76
N THR A 561 4.46 16.79 2.04
CA THR A 561 5.52 17.06 3.01
C THR A 561 6.52 15.92 3.06
N ALA A 562 6.03 14.70 3.20
CA ALA A 562 6.91 13.54 3.23
C ALA A 562 7.74 13.43 1.96
N GLN A 563 7.13 13.68 0.81
CA GLN A 563 7.87 13.58 -0.45
C GLN A 563 8.89 14.69 -0.59
N GLY A 564 8.65 15.84 0.05
CA GLY A 564 9.71 16.83 0.19
C GLY A 564 10.85 16.35 1.06
N MET A 565 10.52 15.93 2.29
CA MET A 565 11.54 15.44 3.20
C MET A 565 12.31 14.30 2.58
N ASP A 566 11.63 13.47 1.79
CA ASP A 566 12.29 12.41 1.06
C ASP A 566 13.40 12.93 0.15
N TYR A 567 13.18 14.05 -0.54
CA TYR A 567 14.30 14.61 -1.30
C TYR A 567 15.37 15.21 -0.41
N LEU A 568 15.00 15.90 0.67
CA LEU A 568 16.02 16.39 1.60
C LEU A 568 16.91 15.25 2.08
N HIS A 569 16.29 14.16 2.51
CA HIS A 569 17.04 12.97 2.86
C HIS A 569 17.69 12.32 1.66
N ALA A 570 17.03 12.36 0.50
CA ALA A 570 17.70 11.94 -0.72
C ALA A 570 18.89 12.82 -1.06
N LYS A 571 18.99 14.00 -0.46
CA LYS A 571 20.18 14.83 -0.59
C LYS A 571 20.97 14.92 0.72
N SER A 572 20.61 14.13 1.72
CA SER A 572 21.25 14.18 3.04
C SER A 572 21.23 15.58 3.65
N ILE A 573 20.28 16.40 3.26
CA ILE A 573 19.94 17.60 4.03
C ILE A 573 19.15 17.15 5.24
N ILE A 574 19.69 17.37 6.43
CA ILE A 574 18.97 17.12 7.67
C ILE A 574 18.41 18.44 8.20
N HIS A 575 17.13 18.45 8.57
CA HIS A 575 16.46 19.70 8.88
C HIS A 575 16.90 20.32 10.19
N ARG A 576 17.53 19.54 11.07
CA ARG A 576 17.98 20.02 12.37
C ARG A 576 16.84 20.38 13.32
N ASP A 577 15.84 21.12 12.85
CA ASP A 577 14.81 21.66 13.73
C ASP A 577 13.49 21.81 12.98
N LEU A 578 13.03 20.73 12.40
CA LEU A 578 11.76 20.72 11.67
C LEU A 578 10.58 21.04 12.57
N LYS A 579 9.72 21.97 12.14
CA LYS A 579 8.51 22.30 12.88
C LYS A 579 7.32 22.42 11.93
N SER A 580 6.12 22.26 12.51
CA SER A 580 4.87 22.53 11.81
C SER A 580 4.79 23.95 11.27
N ASN A 581 5.38 24.91 11.98
CA ASN A 581 5.35 26.30 11.53
C ASN A 581 6.08 26.50 10.21
N ASN A 582 7.14 25.76 9.96
CA ASN A 582 7.93 25.96 8.75
C ASN A 582 7.38 25.25 7.53
N ILE A 583 6.15 24.76 7.59
CA ILE A 583 5.50 24.08 6.47
C ILE A 583 4.41 25.02 5.95
N PHE A 584 4.34 25.14 4.63
CA PHE A 584 3.52 26.19 4.01
C PHE A 584 2.66 25.60 2.90
N LEU A 585 1.40 26.02 2.87
CA LEU A 585 0.40 25.51 1.93
C LEU A 585 0.05 26.60 0.92
N HIS A 586 0.08 26.24 -0.37
CA HIS A 586 -0.27 27.17 -1.44
C HIS A 586 -1.77 27.26 -1.62
N GLU A 587 -2.50 27.56 -0.56
CA GLU A 587 -3.95 27.56 -0.57
C GLU A 587 -4.49 26.24 -1.10
N ASP A 588 -4.06 25.16 -0.45
CA ASP A 588 -4.43 23.80 -0.82
C ASP A 588 -3.93 23.38 -2.19
N LEU A 589 -3.23 24.26 -2.91
CA LEU A 589 -2.65 23.85 -4.17
C LEU A 589 -1.54 22.82 -3.94
N THR A 590 -0.70 23.06 -2.93
CA THR A 590 0.42 22.18 -2.62
C THR A 590 0.95 22.59 -1.25
N VAL A 591 1.87 21.79 -0.73
CA VAL A 591 2.64 22.13 0.45
C VAL A 591 4.13 22.03 0.11
N LYS A 592 4.92 22.93 0.71
CA LYS A 592 6.36 22.95 0.50
C LYS A 592 7.03 23.21 1.84
N ILE A 593 8.32 22.89 1.92
CA ILE A 593 9.08 22.93 3.16
C ILE A 593 9.99 24.15 3.16
N GLY A 594 9.95 24.92 4.25
CA GLY A 594 10.95 25.91 4.56
C GLY A 594 11.86 25.49 5.69
N ASP A 595 12.67 26.45 6.14
CA ASP A 595 13.53 26.28 7.32
C ASP A 595 14.46 25.10 7.21
N PHE A 596 14.66 24.59 6.00
CA PHE A 596 15.56 23.46 5.78
C PHE A 596 17.02 23.84 6.03
N GLY A 597 17.81 22.83 6.40
CA GLY A 597 19.25 22.99 6.53
C GLY A 597 19.69 24.15 7.40
N LEU A 598 20.78 24.77 6.98
CA LEU A 598 21.35 25.97 7.63
C LEU A 598 21.67 25.71 9.11
N ALA A 599 22.18 24.49 9.37
CA ALA A 599 22.52 24.07 10.73
C ALA A 599 23.55 24.99 11.40
N THR A 600 24.36 25.68 10.60
CA THR A 600 25.33 26.65 11.11
C THR A 600 24.79 27.56 12.20
N VAL A 601 23.52 27.97 12.12
CA VAL A 601 23.00 28.96 13.06
C VAL A 601 22.43 28.32 14.31
N LYS A 602 22.18 27.01 14.30
CA LYS A 602 21.49 26.35 15.41
C LYS A 602 22.37 26.33 16.65
N SER A 603 21.79 26.72 17.77
CA SER A 603 22.53 26.86 19.02
C SER A 603 23.73 27.78 18.83
N GLY A 616 13.83 29.27 20.29
CA GLY A 616 12.43 29.36 19.92
C GLY A 616 11.52 28.61 20.86
N SER A 617 10.82 27.61 20.32
CA SER A 617 10.00 26.72 21.13
C SER A 617 10.13 25.31 20.58
N ILE A 618 9.86 24.33 21.45
CA ILE A 618 10.26 22.96 21.19
C ILE A 618 9.24 22.00 21.81
N LEU A 619 8.44 21.38 20.96
CA LEU A 619 7.81 20.10 21.26
C LEU A 619 8.23 19.01 20.28
N TRP A 620 8.92 19.37 19.20
CA TRP A 620 9.26 18.46 18.11
C TRP A 620 10.62 17.80 18.28
N MET A 621 11.41 18.24 19.25
CA MET A 621 12.69 17.59 19.53
C MET A 621 12.43 16.14 19.90
N ALA A 622 13.17 15.23 19.28
CA ALA A 622 13.05 13.82 19.62
C ALA A 622 13.47 13.58 21.07
N PRO A 623 12.79 12.70 21.79
CA PRO A 623 13.20 12.33 23.15
C PRO A 623 14.69 12.07 23.31
N GLU A 624 15.26 11.33 22.36
CA GLU A 624 16.69 11.05 22.36
C GLU A 624 17.53 12.33 22.35
N VAL A 625 17.10 13.34 21.60
CA VAL A 625 17.84 14.60 21.56
C VAL A 625 17.68 15.37 22.86
N ILE A 626 16.48 15.37 23.43
CA ILE A 626 16.28 16.02 24.74
C ILE A 626 16.81 15.22 25.92
N ARG A 627 17.20 13.96 25.74
CA ARG A 627 18.11 13.38 26.72
C ARG A 627 19.51 13.97 26.63
N MET A 628 19.80 14.79 25.61
CA MET A 628 21.04 15.55 25.54
C MET A 628 22.26 14.68 25.75
N ASN A 632 24.97 13.09 17.39
CA ASN A 632 24.44 13.93 16.34
C ASN A 632 22.93 14.11 16.49
N PRO A 633 22.51 15.01 17.38
CA PRO A 633 21.07 15.12 17.66
C PRO A 633 20.24 15.45 16.44
N TYR A 634 20.78 16.24 15.50
CA TYR A 634 20.24 16.36 14.16
C TYR A 634 20.60 15.08 13.38
N SER A 635 20.01 13.98 13.83
CA SER A 635 20.09 12.74 13.09
C SER A 635 19.23 12.77 11.83
N PHE A 636 19.70 12.04 10.83
CA PHE A 636 18.87 11.71 9.67
C PHE A 636 17.50 11.20 10.08
N GLN A 637 17.43 10.45 11.18
CA GLN A 637 16.18 9.93 11.71
C GLN A 637 15.49 10.84 12.72
N SER A 638 16.15 11.91 13.17
CA SER A 638 15.48 12.86 14.06
C SER A 638 14.42 13.66 13.30
N ASP A 639 14.68 13.98 12.04
CA ASP A 639 13.64 14.58 11.21
C ASP A 639 12.41 13.69 11.12
N VAL A 640 12.60 12.38 11.23
CA VAL A 640 11.45 11.47 11.24
C VAL A 640 10.54 11.77 12.41
N TYR A 641 11.11 11.83 13.62
CA TYR A 641 10.29 12.07 14.80
C TYR A 641 9.54 13.38 14.72
N ALA A 642 10.22 14.45 14.32
CA ALA A 642 9.54 15.74 14.17
C ALA A 642 8.38 15.64 13.19
N PHE A 643 8.60 14.95 12.08
CA PHE A 643 7.50 14.68 11.15
C PHE A 643 6.39 13.91 11.84
N GLY A 644 6.75 12.97 12.72
CA GLY A 644 5.75 12.29 13.51
C GLY A 644 4.85 13.21 14.33
N ILE A 645 5.43 14.22 14.95
CA ILE A 645 4.64 15.21 15.69
C ILE A 645 3.70 15.97 14.77
N VAL A 646 4.14 16.28 13.55
CA VAL A 646 3.25 16.91 12.58
C VAL A 646 2.04 16.06 12.27
N LEU A 647 2.23 14.76 12.07
CA LEU A 647 1.07 13.88 11.84
C LEU A 647 0.10 13.88 13.00
N TYR A 648 0.60 13.96 14.23
CA TYR A 648 -0.29 14.06 15.37
C TYR A 648 -1.15 15.31 15.28
N GLU A 649 -0.52 16.45 15.02
CA GLU A 649 -1.27 17.69 14.89
C GLU A 649 -2.31 17.61 13.78
N LEU A 650 -1.96 17.05 12.62
CA LEU A 650 -2.97 16.85 11.58
C LEU A 650 -4.12 15.98 12.07
N MET A 651 -3.79 14.85 12.70
CA MET A 651 -4.81 13.91 13.15
C MET A 651 -5.58 14.39 14.37
N THR A 652 -5.08 15.39 15.09
CA THR A 652 -5.68 15.79 16.34
C THR A 652 -6.00 17.27 16.44
N GLY A 653 -5.55 18.08 15.49
CA GLY A 653 -5.90 19.49 15.45
C GLY A 653 -5.24 20.34 16.50
N GLN A 654 -4.15 19.86 17.12
CA GLN A 654 -3.59 20.57 18.25
C GLN A 654 -2.15 20.14 18.46
N LEU A 655 -1.42 20.97 19.20
CA LEU A 655 -0.12 20.56 19.70
C LEU A 655 -0.28 19.36 20.63
N PRO A 656 0.75 18.55 20.78
CA PRO A 656 0.68 17.41 21.70
C PRO A 656 0.55 17.87 23.15
N TYR A 657 0.11 16.94 24.00
CA TYR A 657 0.04 17.16 25.45
C TYR A 657 -0.98 18.26 25.80
N SER A 658 -2.20 18.06 25.31
CA SER A 658 -3.24 19.09 25.29
C SER A 658 -3.41 19.82 26.61
N ASN A 659 -3.21 19.14 27.74
CA ASN A 659 -3.38 19.76 29.06
C ASN A 659 -2.18 19.59 29.96
N ILE A 660 -0.98 19.38 29.40
CA ILE A 660 0.24 19.34 30.18
C ILE A 660 1.22 20.29 29.52
N ASN A 661 0.74 21.53 29.30
CA ASN A 661 1.27 22.47 28.32
C ASN A 661 2.61 23.08 28.70
N ASN A 662 3.04 22.94 29.96
CA ASN A 662 4.31 23.52 30.37
C ASN A 662 5.45 22.76 29.71
N ARG A 663 5.96 23.32 28.61
CA ARG A 663 7.07 22.74 27.87
C ARG A 663 8.24 22.40 28.80
N ASP A 664 8.72 23.40 29.53
CA ASP A 664 9.90 23.19 30.37
C ASP A 664 9.65 22.14 31.43
N GLN A 665 8.39 21.91 31.81
CA GLN A 665 8.08 20.80 32.70
C GLN A 665 8.06 19.47 31.95
N ILE A 666 7.43 19.43 30.78
CA ILE A 666 7.29 18.16 30.07
C ILE A 666 8.53 17.83 29.25
N ILE A 667 9.27 18.85 28.82
CA ILE A 667 10.30 18.67 27.80
C ILE A 667 11.35 17.65 28.24
N PHE A 668 11.84 17.77 29.48
CA PHE A 668 12.79 16.79 29.97
C PHE A 668 12.17 15.40 30.15
N MET A 669 10.93 15.35 30.65
CA MET A 669 10.31 14.07 30.97
C MET A 669 9.73 13.35 29.75
N VAL A 670 9.37 14.07 28.68
CA VAL A 670 9.15 13.40 27.40
C VAL A 670 10.44 12.77 26.90
N GLY A 671 11.58 13.30 27.32
CA GLY A 671 12.85 12.66 27.08
C GLY A 671 13.14 11.48 27.99
N ARG A 672 12.91 11.66 29.29
CA ARG A 672 13.36 10.68 30.28
C ARG A 672 12.56 9.38 30.22
N GLY A 673 11.47 9.33 29.45
CA GLY A 673 10.76 8.09 29.21
C GLY A 673 9.34 8.08 29.73
N TYR A 674 8.87 9.17 30.33
CA TYR A 674 7.53 9.20 30.90
C TYR A 674 6.44 9.34 29.83
N LEU A 675 6.64 10.22 28.85
CA LEU A 675 5.50 10.83 28.17
C LEU A 675 5.69 10.86 26.66
N SER A 676 4.61 10.54 25.95
CA SER A 676 4.51 10.54 24.50
C SER A 676 3.08 10.89 24.13
N PRO A 677 2.85 11.37 22.90
CA PRO A 677 1.53 11.96 22.60
C PRO A 677 0.43 10.90 22.59
N ASP A 678 -0.76 11.32 23.03
CA ASP A 678 -1.87 10.42 23.29
C ASP A 678 -2.51 9.96 21.99
N LEU A 679 -2.15 8.74 21.57
CA LEU A 679 -2.66 8.17 20.32
C LEU A 679 -4.18 8.04 20.30
N SER A 680 -4.84 8.11 21.44
CA SER A 680 -6.30 8.01 21.47
C SER A 680 -7.00 9.28 21.02
N LYS A 681 -6.32 10.42 21.01
CA LYS A 681 -6.97 11.69 20.68
C LYS A 681 -7.23 11.84 19.18
N VAL A 682 -6.77 10.91 18.36
CA VAL A 682 -7.01 10.97 16.93
C VAL A 682 -8.51 10.82 16.63
N ARG A 683 -8.92 11.45 15.53
CA ARG A 683 -10.33 11.41 15.13
C ARG A 683 -10.75 9.97 14.82
N SER A 684 -11.99 9.65 15.19
CA SER A 684 -12.45 8.27 15.18
C SER A 684 -12.53 7.69 13.77
N ASN A 685 -12.56 8.52 12.73
CA ASN A 685 -12.70 8.05 11.36
C ASN A 685 -11.37 7.93 10.63
N CYS A 686 -10.25 8.14 11.30
CA CYS A 686 -8.96 7.93 10.66
C CYS A 686 -8.74 6.44 10.40
N PRO A 687 -7.95 6.10 9.38
CA PRO A 687 -7.58 4.69 9.18
C PRO A 687 -6.68 4.20 10.31
N LYS A 688 -6.96 2.98 10.77
CA LYS A 688 -6.13 2.38 11.81
C LYS A 688 -4.65 2.43 11.45
N ALA A 689 -4.33 2.14 10.19
CA ALA A 689 -2.95 2.18 9.73
C ALA A 689 -2.28 3.52 9.91
N MET A 690 -3.01 4.64 9.81
CA MET A 690 -2.34 5.91 10.01
C MET A 690 -1.99 6.11 11.49
N LYS A 691 -2.86 5.69 12.38
CA LYS A 691 -2.50 5.63 13.79
C LYS A 691 -1.25 4.77 13.97
N ARG A 692 -1.23 3.62 13.30
CA ARG A 692 -0.09 2.73 13.33
C ARG A 692 1.16 3.39 12.77
N LEU A 693 1.05 4.05 11.62
CA LEU A 693 2.20 4.75 11.05
C LEU A 693 2.78 5.75 12.04
N MET A 694 1.93 6.59 12.62
CA MET A 694 2.39 7.53 13.64
C MET A 694 3.10 6.80 14.77
N ALA A 695 2.51 5.70 15.25
CA ALA A 695 3.08 4.97 16.37
C ALA A 695 4.47 4.44 16.06
N GLU A 696 4.68 3.88 14.87
CA GLU A 696 6.03 3.45 14.53
C GLU A 696 6.94 4.65 14.29
N CYS A 697 6.38 5.74 13.77
CA CYS A 697 7.17 6.94 13.53
C CYS A 697 7.73 7.50 14.82
N LEU A 698 6.96 7.43 15.89
CA LEU A 698 7.34 7.94 17.19
C LEU A 698 8.25 7.00 17.99
N LYS A 699 8.81 5.96 17.36
CA LYS A 699 9.69 5.06 18.09
C LYS A 699 10.86 5.83 18.71
N LYS A 700 11.10 5.57 19.99
CA LYS A 700 12.14 6.30 20.72
C LYS A 700 13.53 5.82 20.33
N LYS A 701 13.74 4.51 20.31
CA LYS A 701 15.04 3.96 19.96
C LYS A 701 15.33 4.14 18.46
N ARG A 702 16.42 4.86 18.19
CA ARG A 702 16.59 5.53 16.91
C ARG A 702 16.63 4.56 15.75
N ASP A 703 17.30 3.41 15.93
CA ASP A 703 17.75 2.61 14.80
C ASP A 703 16.63 2.31 13.81
N GLU A 704 15.42 2.07 14.29
CA GLU A 704 14.33 1.64 13.44
C GLU A 704 13.11 2.54 13.54
N ARG A 705 13.33 3.83 13.72
CA ARG A 705 12.33 4.79 13.23
C ARG A 705 12.34 4.72 11.72
N PRO A 706 11.22 4.41 11.06
CA PRO A 706 11.25 4.07 9.64
C PRO A 706 11.78 5.22 8.80
N LEU A 707 12.54 4.87 7.77
CA LEU A 707 13.03 5.91 6.89
C LEU A 707 11.92 6.37 5.95
N PHE A 708 12.10 7.57 5.43
CA PHE A 708 11.06 8.27 4.69
C PHE A 708 10.65 7.63 3.38
N PRO A 709 11.49 6.85 2.70
CA PRO A 709 10.97 6.10 1.55
C PRO A 709 9.89 5.12 1.94
N GLN A 710 10.06 4.44 3.07
CA GLN A 710 9.05 3.51 3.55
C GLN A 710 7.81 4.29 4.00
N ILE A 711 8.02 5.39 4.72
CA ILE A 711 6.90 6.24 5.09
C ILE A 711 6.14 6.66 3.87
N LEU A 712 6.85 7.11 2.83
CA LEU A 712 6.17 7.50 1.61
C LEU A 712 5.33 6.35 1.06
N ALA A 713 5.91 5.14 1.01
CA ALA A 713 5.14 3.99 0.56
C ALA A 713 3.94 3.74 1.45
N SER A 714 4.11 3.89 2.76
CA SER A 714 2.96 3.73 3.66
C SER A 714 1.89 4.76 3.38
N ILE A 715 2.29 6.02 3.24
CA ILE A 715 1.34 7.08 2.91
C ILE A 715 0.72 6.85 1.55
N GLU A 716 1.52 6.35 0.61
CA GLU A 716 0.99 6.04 -0.71
C GLU A 716 -0.04 4.92 -0.66
N LEU A 717 0.16 3.94 0.24
CA LEU A 717 -0.87 2.93 0.44
C LEU A 717 -2.14 3.50 1.05
N LEU A 718 -2.00 4.31 2.10
CA LEU A 718 -3.17 4.97 2.67
C LEU A 718 -3.93 5.78 1.64
N ALA A 719 -3.21 6.51 0.78
CA ALA A 719 -3.86 7.46 -0.13
C ALA A 719 -4.87 6.77 -1.04
N ARG A 720 -4.60 5.56 -1.47
CA ARG A 720 -5.58 4.79 -2.23
C ARG A 720 -6.39 3.82 -1.36
N SER A 721 -5.88 3.42 -0.21
CA SER A 721 -6.66 2.60 0.71
C SER A 721 -7.92 3.32 1.20
N LEU A 722 -7.83 4.62 1.46
CA LEU A 722 -9.01 5.35 1.93
C LEU A 722 -10.17 5.36 0.94
N PRO A 723 -9.96 5.48 -0.36
CA PRO A 723 -11.05 5.17 -1.31
C PRO A 723 -11.56 3.75 -1.22
N LYS A 724 -10.67 2.79 -1.00
CA LYS A 724 -11.08 1.38 -0.97
C LYS A 724 -11.89 1.04 0.27
N ILE A 725 -11.47 1.50 1.45
CA ILE A 725 -12.02 0.97 2.69
C ILE A 725 -13.47 1.40 2.87
N HIS A 726 -14.29 0.49 3.40
CA HIS A 726 -15.70 0.76 3.60
C HIS A 726 -15.92 1.71 4.77
N ARG A 727 -17.05 2.42 4.72
CA ARG A 727 -17.39 3.36 5.78
C ARG A 727 -17.65 2.66 7.10
N SER A 728 -17.97 1.37 7.09
CA SER A 728 -18.09 0.58 8.30
C SER A 728 -17.53 -0.81 8.08
N ALA A 729 -17.08 -1.44 9.15
CA ALA A 729 -16.43 -2.74 9.08
C ALA A 729 -17.40 -3.86 8.77
N SEP A 730 -16.87 -5.08 8.69
CA SEP A 730 -17.65 -6.24 8.29
CB SEP A 730 -17.72 -6.32 6.77
OG SEP A 730 -18.67 -7.30 6.36
C SEP A 730 -17.01 -7.50 8.86
O SEP A 730 -16.06 -7.42 9.63
P SEP A 730 -18.59 -7.37 4.75
O1P SEP A 730 -17.08 -7.53 4.26
O2P SEP A 730 -19.19 -6.00 4.15
O3P SEP A 730 -19.50 -8.58 4.23
H SEP A 730 -16.05 -5.26 8.86
HA SEP A 730 -18.56 -6.17 8.65
HB2 SEP A 730 -17.98 -5.46 6.42
HB3 SEP A 730 -16.85 -6.57 6.43
N GLU A 731 -17.53 -8.66 8.49
CA GLU A 731 -16.97 -9.91 8.99
C GLU A 731 -15.81 -10.38 8.10
N PRO A 732 -14.59 -10.37 8.61
CA PRO A 732 -13.45 -10.81 7.81
C PRO A 732 -13.43 -12.31 7.63
N SER A 733 -12.58 -12.76 6.73
CA SER A 733 -12.20 -14.17 6.69
C SER A 733 -11.40 -14.51 7.95
N LEU A 734 -11.90 -15.47 8.71
CA LEU A 734 -11.48 -15.66 10.10
C LEU A 734 -10.09 -16.27 10.23
N ASN A 735 -9.09 -15.40 10.35
CA ASN A 735 -7.69 -15.79 10.53
C ASN A 735 -7.29 -16.91 9.57
N ARG A 736 -7.75 -16.82 8.33
CA ARG A 736 -7.85 -18.00 7.51
C ARG A 736 -6.49 -18.60 7.18
N ALA A 737 -5.46 -17.77 7.00
CA ALA A 737 -4.18 -18.27 6.52
C ALA A 737 -3.01 -17.85 7.42
N GLY A 738 -3.26 -17.59 8.69
CA GLY A 738 -2.18 -17.37 9.62
C GLY A 738 -1.42 -18.65 9.92
N PHE A 739 -0.32 -18.48 10.66
CA PHE A 739 0.53 -19.60 11.02
C PHE A 739 -0.22 -20.59 11.91
N ASP B 1 -14.69 -38.74 -2.51
CA ASP B 1 -14.05 -38.05 -3.62
C ASP B 1 -13.63 -36.65 -3.19
N LYS B 2 -14.40 -36.05 -2.28
CA LYS B 2 -14.12 -34.68 -1.90
C LYS B 2 -12.75 -34.53 -1.24
N ASN B 3 -12.19 -35.63 -0.76
CA ASN B 3 -10.82 -35.59 -0.21
C ASN B 3 -9.93 -35.01 -1.31
N GLU B 4 -10.27 -35.27 -2.56
CA GLU B 4 -9.53 -34.75 -3.72
C GLU B 4 -9.95 -33.30 -4.00
N LEU B 5 -11.22 -33.04 -4.29
CA LEU B 5 -11.69 -31.68 -4.69
C LEU B 5 -11.28 -30.69 -3.60
N VAL B 6 -11.39 -31.07 -2.34
CA VAL B 6 -11.09 -30.24 -1.18
C VAL B 6 -9.60 -30.01 -1.04
N GLN B 7 -8.77 -31.00 -1.39
CA GLN B 7 -7.34 -30.74 -1.42
C GLN B 7 -6.98 -29.65 -2.42
N LYS B 8 -7.54 -29.71 -3.63
CA LYS B 8 -7.31 -28.62 -4.57
C LYS B 8 -7.73 -27.28 -3.98
N ALA B 9 -8.87 -27.24 -3.30
CA ALA B 9 -9.30 -26.00 -2.67
C ALA B 9 -8.30 -25.52 -1.64
N LYS B 10 -7.91 -26.40 -0.71
CA LYS B 10 -6.93 -25.99 0.29
C LYS B 10 -5.64 -25.54 -0.38
N LEU B 11 -5.27 -26.21 -1.47
CA LEU B 11 -4.11 -25.82 -2.24
C LEU B 11 -4.32 -24.48 -2.95
N ALA B 12 -5.45 -24.32 -3.63
CA ALA B 12 -5.71 -23.07 -4.33
C ALA B 12 -5.78 -21.88 -3.39
N GLU B 13 -6.27 -22.07 -2.18
CA GLU B 13 -6.35 -20.96 -1.23
C GLU B 13 -4.97 -20.36 -0.97
N GLN B 14 -4.03 -21.18 -0.50
CA GLN B 14 -2.70 -20.68 -0.22
C GLN B 14 -1.94 -20.34 -1.49
N ALA B 15 -2.29 -20.96 -2.61
CA ALA B 15 -1.79 -20.43 -3.88
C ALA B 15 -2.39 -19.08 -4.22
N GLU B 16 -3.29 -18.57 -3.39
CA GLU B 16 -3.83 -17.22 -3.57
C GLU B 16 -4.59 -17.11 -4.88
N ARG B 17 -5.27 -18.18 -5.26
CA ARG B 17 -5.77 -18.37 -6.61
C ARG B 17 -7.28 -18.58 -6.54
N TYR B 18 -7.96 -17.65 -5.86
CA TYR B 18 -9.32 -17.88 -5.39
C TYR B 18 -10.29 -18.19 -6.53
N ASP B 19 -10.10 -17.58 -7.69
CA ASP B 19 -11.02 -17.84 -8.78
C ASP B 19 -11.09 -19.33 -9.11
N ASP B 20 -9.99 -20.05 -8.94
CA ASP B 20 -10.01 -21.49 -9.15
C ASP B 20 -10.56 -22.23 -7.93
N MET B 21 -10.22 -21.76 -6.74
CA MET B 21 -10.72 -22.35 -5.50
C MET B 21 -12.23 -22.38 -5.43
N ALA B 22 -12.90 -21.31 -5.85
CA ALA B 22 -14.35 -21.26 -5.78
C ALA B 22 -15.04 -22.23 -6.73
N ALA B 23 -14.43 -22.53 -7.87
CA ALA B 23 -15.03 -23.51 -8.77
C ALA B 23 -14.97 -24.93 -8.22
N CYS B 24 -13.84 -25.35 -7.68
CA CYS B 24 -13.75 -26.68 -7.09
C CYS B 24 -14.69 -26.87 -5.90
N MET B 25 -14.73 -25.91 -4.99
CA MET B 25 -15.69 -26.00 -3.89
C MET B 25 -17.13 -26.07 -4.36
N LYS B 26 -17.47 -25.38 -5.45
CA LYS B 26 -18.81 -25.54 -6.00
C LYS B 26 -19.11 -26.99 -6.31
N SER B 27 -18.17 -27.69 -6.92
CA SER B 27 -18.37 -29.13 -7.10
C SER B 27 -18.40 -29.89 -5.78
N VAL B 28 -17.77 -29.36 -4.73
CA VAL B 28 -17.96 -29.96 -3.40
C VAL B 28 -19.42 -29.88 -2.98
N THR B 29 -20.09 -28.78 -3.31
CA THR B 29 -21.53 -28.72 -3.03
C THR B 29 -22.32 -29.65 -3.94
N GLU B 30 -21.81 -29.93 -5.15
CA GLU B 30 -22.53 -30.81 -6.06
C GLU B 30 -22.75 -32.19 -5.47
N GLN B 31 -21.96 -32.58 -4.47
CA GLN B 31 -22.22 -33.83 -3.78
C GLN B 31 -23.49 -33.79 -2.94
N GLY B 32 -24.04 -32.60 -2.70
CA GLY B 32 -25.32 -32.49 -2.02
C GLY B 32 -25.29 -32.87 -0.57
N ALA B 33 -24.17 -33.34 -0.05
CA ALA B 33 -24.05 -33.72 1.34
C ALA B 33 -23.93 -32.50 2.24
N GLU B 34 -24.23 -32.71 3.52
CA GLU B 34 -23.75 -31.80 4.55
C GLU B 34 -22.25 -31.67 4.49
N LEU B 35 -21.77 -30.45 4.26
CA LEU B 35 -20.35 -30.19 4.31
C LEU B 35 -19.86 -30.26 5.76
N SER B 36 -18.70 -30.86 5.96
CA SER B 36 -18.07 -30.70 7.27
C SER B 36 -17.73 -29.24 7.47
N ASN B 37 -17.60 -28.86 8.74
CA ASN B 37 -17.44 -27.46 9.07
C ASN B 37 -16.21 -26.84 8.41
N GLU B 38 -15.17 -27.64 8.14
CA GLU B 38 -14.02 -27.08 7.44
C GLU B 38 -14.32 -26.79 5.97
N GLU B 39 -14.80 -27.78 5.22
CA GLU B 39 -15.15 -27.50 3.83
C GLU B 39 -16.30 -26.52 3.71
N ARG B 40 -17.17 -26.44 4.71
CA ARG B 40 -18.10 -25.33 4.77
C ARG B 40 -17.36 -24.01 4.88
N ASN B 41 -16.37 -23.94 5.75
CA ASN B 41 -15.60 -22.71 5.92
C ASN B 41 -14.87 -22.31 4.64
N LEU B 42 -14.16 -23.24 4.01
CA LEU B 42 -13.50 -22.93 2.75
C LEU B 42 -14.45 -22.31 1.75
N LEU B 43 -15.61 -22.91 1.55
CA LEU B 43 -16.57 -22.35 0.61
C LEU B 43 -16.86 -20.89 0.94
N SER B 44 -17.05 -20.56 2.21
CA SER B 44 -17.36 -19.17 2.52
C SER B 44 -16.20 -18.25 2.21
N VAL B 45 -14.97 -18.66 2.52
CA VAL B 45 -13.83 -17.78 2.26
C VAL B 45 -13.50 -17.72 0.78
N ALA B 46 -13.72 -18.80 0.03
CA ALA B 46 -13.52 -18.75 -1.42
C ALA B 46 -14.36 -17.67 -2.07
N TYR B 47 -15.69 -17.74 -1.92
CA TYR B 47 -16.55 -16.73 -2.51
C TYR B 47 -16.44 -15.36 -1.86
N LYS B 48 -15.97 -15.27 -0.63
CA LYS B 48 -15.74 -13.96 -0.04
C LYS B 48 -14.67 -13.17 -0.79
N ASN B 49 -13.54 -13.78 -1.07
CA ASN B 49 -12.50 -13.08 -1.82
C ASN B 49 -12.87 -12.90 -3.29
N VAL B 50 -13.53 -13.89 -3.89
CA VAL B 50 -13.90 -13.79 -5.30
C VAL B 50 -14.87 -12.66 -5.57
N VAL B 51 -15.77 -12.34 -4.63
CA VAL B 51 -16.46 -11.07 -4.71
C VAL B 51 -15.58 -9.94 -4.22
N GLY B 52 -14.82 -10.16 -3.15
CA GLY B 52 -14.13 -9.05 -2.51
C GLY B 52 -13.21 -8.31 -3.46
N ALA B 53 -12.43 -9.03 -4.25
CA ALA B 53 -11.58 -8.37 -5.23
C ALA B 53 -12.40 -7.57 -6.24
N ARG B 54 -13.62 -7.99 -6.53
CA ARG B 54 -14.44 -7.29 -7.51
C ARG B 54 -15.30 -6.21 -6.89
N ARG B 55 -15.91 -6.51 -5.75
CA ARG B 55 -16.68 -5.49 -5.05
C ARG B 55 -15.83 -4.29 -4.66
N SER B 56 -14.70 -4.53 -3.99
CA SER B 56 -13.82 -3.42 -3.64
C SER B 56 -13.30 -2.70 -4.88
N SER B 57 -13.03 -3.45 -5.94
CA SER B 57 -12.70 -2.81 -7.21
C SER B 57 -13.83 -1.91 -7.67
N TRP B 58 -15.06 -2.42 -7.62
CA TRP B 58 -16.23 -1.63 -7.99
C TRP B 58 -16.31 -0.32 -7.21
N ARG B 59 -15.86 -0.32 -5.97
CA ARG B 59 -15.85 0.91 -5.21
C ARG B 59 -14.90 1.95 -5.77
N VAL B 60 -13.70 1.55 -6.18
CA VAL B 60 -12.77 2.50 -6.77
C VAL B 60 -13.29 3.04 -8.09
N VAL B 61 -13.82 2.17 -8.94
CA VAL B 61 -14.37 2.62 -10.21
C VAL B 61 -15.47 3.65 -9.98
N SER B 62 -16.42 3.32 -9.11
CA SER B 62 -17.48 4.28 -8.81
C SER B 62 -16.97 5.51 -8.08
N SER B 63 -15.80 5.45 -7.47
CA SER B 63 -15.22 6.66 -6.91
C SER B 63 -14.63 7.56 -7.99
N ILE B 64 -13.87 6.99 -8.92
CA ILE B 64 -13.33 7.81 -10.00
C ILE B 64 -14.43 8.27 -10.94
N GLU B 65 -15.46 7.46 -11.13
CA GLU B 65 -16.62 7.88 -11.90
C GLU B 65 -17.37 9.05 -11.28
N GLN B 66 -17.00 9.49 -10.08
CA GLN B 66 -17.57 10.73 -9.57
C GLN B 66 -17.20 11.92 -10.43
N LYS B 67 -15.99 11.95 -10.98
CA LYS B 67 -15.40 13.19 -11.43
C LYS B 67 -15.92 13.60 -12.80
N THR B 68 -16.00 14.92 -13.01
CA THR B 68 -16.51 15.50 -14.24
C THR B 68 -15.43 16.30 -14.95
N ALA B 71 -15.06 14.85 -19.32
CA ALA B 71 -15.94 14.96 -20.48
C ALA B 71 -16.68 13.65 -20.74
N GLU B 72 -17.37 13.57 -21.87
CA GLU B 72 -18.24 12.43 -22.12
C GLU B 72 -17.45 11.16 -22.37
N LYS B 73 -16.41 11.24 -23.22
CA LYS B 73 -15.65 10.04 -23.54
C LYS B 73 -15.12 9.36 -22.29
N LYS B 74 -14.45 10.12 -21.43
CA LYS B 74 -13.99 9.57 -20.18
C LYS B 74 -15.16 9.10 -19.32
N GLN B 75 -16.20 9.92 -19.26
CA GLN B 75 -17.34 9.59 -18.41
C GLN B 75 -18.04 8.30 -18.84
N GLN B 76 -18.41 8.19 -20.12
CA GLN B 76 -19.12 6.99 -20.55
C GLN B 76 -18.26 5.73 -20.47
N MET B 77 -16.96 5.85 -20.72
CA MET B 77 -16.09 4.70 -20.49
C MET B 77 -16.02 4.34 -19.02
N ALA B 78 -15.86 5.35 -18.16
CA ALA B 78 -15.84 5.06 -16.73
C ALA B 78 -17.10 4.35 -16.30
N ARG B 79 -18.26 4.84 -16.74
CA ARG B 79 -19.50 4.15 -16.40
C ARG B 79 -19.60 2.79 -17.09
N GLU B 80 -19.23 2.72 -18.37
CA GLU B 80 -19.27 1.43 -19.06
C GLU B 80 -18.41 0.39 -18.36
N TYR B 81 -17.23 0.79 -17.91
CA TYR B 81 -16.36 -0.12 -17.17
C TYR B 81 -16.99 -0.52 -15.84
N ARG B 82 -17.56 0.45 -15.13
CA ARG B 82 -18.31 0.17 -13.92
C ARG B 82 -19.41 -0.87 -14.16
N GLU B 83 -20.18 -0.69 -15.24
CA GLU B 83 -21.22 -1.66 -15.53
C GLU B 83 -20.67 -3.06 -15.76
N LYS B 84 -19.49 -3.16 -16.38
CA LYS B 84 -18.90 -4.48 -16.58
C LYS B 84 -18.54 -5.15 -15.25
N ILE B 85 -17.79 -4.44 -14.41
CA ILE B 85 -17.41 -5.00 -13.12
C ILE B 85 -18.64 -5.27 -12.26
N GLU B 86 -19.63 -4.39 -12.35
CA GLU B 86 -20.91 -4.64 -11.70
C GLU B 86 -21.61 -5.86 -12.27
N THR B 87 -21.57 -6.05 -13.59
CA THR B 87 -22.14 -7.24 -14.19
C THR B 87 -21.46 -8.51 -13.68
N GLU B 88 -20.14 -8.47 -13.56
CA GLU B 88 -19.41 -9.62 -13.03
C GLU B 88 -19.84 -9.92 -11.60
N LEU B 89 -19.91 -8.89 -10.76
CA LEU B 89 -20.36 -9.07 -9.39
C LEU B 89 -21.76 -9.66 -9.30
N ARG B 90 -22.68 -9.16 -10.13
CA ARG B 90 -24.04 -9.70 -10.13
C ARG B 90 -24.08 -11.18 -10.47
N ASP B 91 -23.27 -11.63 -11.42
CA ASP B 91 -23.27 -13.05 -11.77
C ASP B 91 -22.77 -13.94 -10.63
N ILE B 92 -21.57 -13.67 -10.12
CA ILE B 92 -21.04 -14.57 -9.09
C ILE B 92 -21.88 -14.51 -7.82
N CYS B 93 -22.53 -13.40 -7.56
CA CYS B 93 -23.49 -13.35 -6.46
C CYS B 93 -24.64 -14.31 -6.67
N ASN B 94 -25.33 -14.19 -7.81
CA ASN B 94 -26.46 -15.08 -8.09
C ASN B 94 -26.04 -16.55 -8.17
N ASP B 95 -24.79 -16.81 -8.52
CA ASP B 95 -24.27 -18.18 -8.47
C ASP B 95 -24.30 -18.77 -7.06
N VAL B 96 -23.66 -18.09 -6.11
CA VAL B 96 -23.60 -18.62 -4.75
C VAL B 96 -24.99 -18.80 -4.17
N LEU B 97 -25.88 -17.86 -4.42
CA LEU B 97 -27.25 -18.02 -3.95
C LEU B 97 -27.92 -19.26 -4.52
N SER B 98 -27.59 -19.61 -5.76
CA SER B 98 -28.11 -20.86 -6.30
C SER B 98 -27.56 -22.08 -5.58
N LEU B 99 -26.28 -22.06 -5.22
CA LEU B 99 -25.76 -23.15 -4.40
C LEU B 99 -26.49 -23.21 -3.06
N LEU B 100 -26.67 -22.06 -2.43
CA LEU B 100 -27.37 -22.00 -1.15
C LEU B 100 -28.80 -22.51 -1.29
N GLU B 101 -29.52 -22.00 -2.27
CA GLU B 101 -30.91 -22.40 -2.48
C GLU B 101 -31.04 -23.86 -2.85
N LYS B 102 -30.13 -24.39 -3.67
CA LYS B 102 -30.34 -25.67 -4.31
C LYS B 102 -29.57 -26.83 -3.69
N PHE B 103 -28.55 -26.58 -2.86
CA PHE B 103 -27.71 -27.67 -2.39
C PHE B 103 -27.30 -27.58 -0.93
N LEU B 104 -27.38 -26.41 -0.28
CA LEU B 104 -26.88 -26.23 1.07
C LEU B 104 -28.04 -26.04 2.04
N ILE B 105 -28.77 -24.94 1.93
CA ILE B 105 -29.93 -24.70 2.78
C ILE B 105 -30.86 -25.91 2.82
N PRO B 106 -31.25 -26.51 1.69
CA PRO B 106 -32.18 -27.64 1.78
C PRO B 106 -31.64 -28.84 2.52
N ASN B 107 -30.36 -28.86 2.84
CA ASN B 107 -29.75 -29.99 3.53
C ASN B 107 -29.01 -29.58 4.79
N ALA B 108 -29.23 -28.35 5.26
CA ALA B 108 -28.52 -27.81 6.43
C ALA B 108 -29.12 -28.35 7.73
N SER B 109 -29.09 -29.68 7.85
CA SER B 109 -29.83 -30.35 8.91
C SER B 109 -29.28 -29.99 10.29
N GLN B 110 -27.97 -29.88 10.43
CA GLN B 110 -27.39 -29.59 11.73
C GLN B 110 -27.72 -28.18 12.19
N ALA B 111 -27.77 -28.00 13.51
CA ALA B 111 -28.32 -26.79 14.11
C ALA B 111 -27.60 -25.53 13.65
N GLU B 112 -26.28 -25.50 13.77
CA GLU B 112 -25.50 -24.35 13.32
C GLU B 112 -25.47 -24.23 11.80
N SER B 113 -25.43 -25.36 11.10
CA SER B 113 -25.24 -25.34 9.65
C SER B 113 -26.21 -24.38 8.96
N LYS B 114 -27.50 -24.53 9.24
CA LYS B 114 -28.47 -23.63 8.63
C LYS B 114 -28.24 -22.19 9.02
N VAL B 115 -27.71 -21.92 10.21
CA VAL B 115 -27.38 -20.56 10.57
C VAL B 115 -26.33 -20.01 9.61
N PHE B 116 -25.28 -20.78 9.36
CA PHE B 116 -24.21 -20.28 8.50
C PHE B 116 -24.70 -19.97 7.10
N TYR B 117 -25.44 -20.90 6.50
CA TYR B 117 -25.89 -20.69 5.13
C TYR B 117 -26.91 -19.56 5.03
N LEU B 118 -27.83 -19.47 5.98
CA LEU B 118 -28.77 -18.36 5.94
C LEU B 118 -28.06 -17.02 6.10
N LYS B 119 -27.08 -16.95 7.00
CA LYS B 119 -26.26 -15.75 7.08
C LYS B 119 -25.66 -15.41 5.72
N MET B 120 -25.04 -16.39 5.07
CA MET B 120 -24.38 -16.11 3.81
C MET B 120 -25.39 -15.68 2.76
N LYS B 121 -26.58 -16.29 2.76
CA LYS B 121 -27.63 -15.81 1.88
C LYS B 121 -27.94 -14.36 2.16
N GLY B 122 -27.87 -13.95 3.41
CA GLY B 122 -27.91 -12.54 3.73
C GLY B 122 -26.79 -11.73 3.09
N ASP B 123 -25.55 -12.10 3.36
CA ASP B 123 -24.43 -11.28 2.90
C ASP B 123 -24.42 -11.11 1.40
N TYR B 124 -24.66 -12.18 0.65
CA TYR B 124 -24.57 -12.08 -0.79
C TYR B 124 -25.70 -11.23 -1.36
N TYR B 125 -26.92 -11.37 -0.85
CA TYR B 125 -27.93 -10.40 -1.26
C TYR B 125 -27.56 -8.99 -0.84
N ARG B 126 -26.85 -8.84 0.28
CA ARG B 126 -26.46 -7.49 0.67
C ARG B 126 -25.55 -6.84 -0.36
N TYR B 127 -24.52 -7.54 -0.82
CA TYR B 127 -23.66 -6.97 -1.86
C TYR B 127 -24.44 -6.64 -3.12
N LEU B 128 -25.34 -7.52 -3.55
CA LEU B 128 -26.09 -7.28 -4.77
C LEU B 128 -26.96 -6.04 -4.67
N ALA B 129 -27.71 -5.90 -3.59
CA ALA B 129 -28.49 -4.68 -3.40
C ALA B 129 -27.59 -3.47 -3.22
N GLU B 130 -26.37 -3.66 -2.74
CA GLU B 130 -25.43 -2.55 -2.63
C GLU B 130 -25.15 -1.89 -3.98
N VAL B 131 -25.12 -2.66 -5.06
CA VAL B 131 -24.80 -2.07 -6.35
C VAL B 131 -26.06 -1.81 -7.17
N ALA B 132 -27.07 -2.65 -7.00
CA ALA B 132 -28.20 -2.64 -7.91
C ALA B 132 -28.85 -1.28 -7.96
N LYS B 137 -36.21 -0.84 -7.20
CA LYS B 137 -35.62 -1.83 -8.11
C LYS B 137 -34.85 -2.89 -7.35
N LYS B 138 -34.46 -2.55 -6.13
CA LYS B 138 -33.58 -3.42 -5.35
C LYS B 138 -34.27 -3.87 -4.07
N GLY B 139 -35.50 -4.35 -4.19
CA GLY B 139 -36.17 -5.03 -3.10
C GLY B 139 -35.38 -6.17 -2.51
N ILE B 140 -34.32 -6.58 -3.21
CA ILE B 140 -33.31 -7.47 -2.65
C ILE B 140 -32.79 -7.01 -1.30
N VAL B 141 -32.83 -5.71 -1.01
CA VAL B 141 -32.53 -5.27 0.35
C VAL B 141 -33.39 -6.04 1.34
N ASP B 142 -34.69 -6.10 1.07
CA ASP B 142 -35.61 -6.82 1.94
C ASP B 142 -35.35 -8.31 1.91
N GLN B 143 -34.93 -8.84 0.77
CA GLN B 143 -34.58 -10.25 0.69
C GLN B 143 -33.40 -10.60 1.59
N SER B 144 -32.40 -9.74 1.66
CA SER B 144 -31.33 -9.95 2.64
C SER B 144 -31.87 -9.80 4.06
N GLN B 145 -32.73 -8.80 4.29
CA GLN B 145 -33.32 -8.65 5.61
C GLN B 145 -34.00 -9.92 6.06
N GLN B 146 -34.78 -10.53 5.17
CA GLN B 146 -35.43 -11.80 5.50
C GLN B 146 -34.41 -12.89 5.79
N ALA B 147 -33.39 -13.02 4.96
CA ALA B 147 -32.37 -14.03 5.20
C ALA B 147 -31.68 -13.83 6.53
N TYR B 148 -31.30 -12.60 6.86
CA TYR B 148 -30.71 -12.38 8.17
C TYR B 148 -31.72 -12.61 9.28
N GLN B 149 -32.94 -12.14 9.12
CA GLN B 149 -33.92 -12.31 10.19
C GLN B 149 -34.17 -13.79 10.45
N GLU B 150 -34.26 -14.59 9.40
CA GLU B 150 -34.32 -16.03 9.59
C GLU B 150 -33.09 -16.54 10.33
N ALA B 151 -31.90 -16.16 9.89
CA ALA B 151 -30.69 -16.60 10.57
C ALA B 151 -30.68 -16.13 12.01
N PHE B 152 -31.16 -14.92 12.27
CA PHE B 152 -31.13 -14.41 13.64
C PHE B 152 -32.19 -15.07 14.49
N GLU B 153 -33.39 -15.25 13.94
CA GLU B 153 -34.45 -15.91 14.68
C GLU B 153 -34.02 -17.29 15.16
N ILE B 154 -33.40 -18.08 14.29
CA ILE B 154 -32.91 -19.40 14.72
C ILE B 154 -31.75 -19.23 15.69
N SER B 155 -30.69 -18.56 15.26
CA SER B 155 -29.48 -18.48 16.08
C SER B 155 -29.76 -17.92 17.47
N LYS B 156 -30.81 -17.13 17.64
CA LYS B 156 -31.10 -16.58 18.95
C LYS B 156 -31.33 -17.67 19.99
N LYS B 157 -31.67 -18.88 19.52
CA LYS B 157 -32.07 -19.95 20.42
C LYS B 157 -31.08 -21.10 20.47
N GLU B 158 -30.51 -21.45 19.33
CA GLU B 158 -29.82 -22.72 19.20
C GLU B 158 -28.30 -22.61 19.29
N MET B 159 -27.77 -21.48 19.77
CA MET B 159 -26.33 -21.31 19.83
C MET B 159 -25.98 -20.35 20.96
N GLN B 160 -24.73 -20.42 21.41
CA GLN B 160 -24.35 -19.69 22.60
C GLN B 160 -24.05 -18.23 22.27
N PRO B 161 -24.47 -17.29 23.10
CA PRO B 161 -24.25 -15.87 22.78
C PRO B 161 -22.79 -15.53 22.50
N THR B 162 -21.85 -16.37 22.94
CA THR B 162 -20.45 -16.18 22.59
C THR B 162 -20.04 -16.95 21.34
N HIS B 163 -20.97 -17.62 20.68
CA HIS B 163 -20.58 -18.42 19.51
C HIS B 163 -20.16 -17.49 18.38
N PRO B 164 -19.05 -17.76 17.70
CA PRO B 164 -18.56 -16.81 16.68
C PRO B 164 -19.52 -16.56 15.53
N ILE B 165 -20.33 -17.53 15.14
CA ILE B 165 -21.32 -17.28 14.09
C ILE B 165 -22.42 -16.36 14.60
N ARG B 166 -22.88 -16.58 15.83
CA ARG B 166 -23.90 -15.70 16.36
C ARG B 166 -23.40 -14.28 16.44
N LEU B 167 -22.16 -14.10 16.90
CA LEU B 167 -21.54 -12.78 16.87
C LEU B 167 -21.38 -12.29 15.42
N GLY B 168 -20.83 -13.15 14.56
CA GLY B 168 -20.61 -12.75 13.19
C GLY B 168 -21.87 -12.50 12.41
N LEU B 169 -22.92 -13.29 12.67
CA LEU B 169 -24.23 -12.94 12.14
C LEU B 169 -24.67 -11.57 12.60
N ALA B 170 -24.64 -11.34 13.91
CA ALA B 170 -25.08 -10.05 14.43
C ALA B 170 -24.31 -8.91 13.81
N LEU B 171 -23.00 -9.05 13.66
CA LEU B 171 -22.21 -8.01 13.03
C LEU B 171 -22.68 -7.71 11.61
N ASN B 172 -22.71 -8.72 10.75
CA ASN B 172 -23.16 -8.48 9.39
C ASN B 172 -24.56 -7.88 9.36
N PHE B 173 -25.46 -8.40 10.18
CA PHE B 173 -26.83 -7.91 10.14
C PHE B 173 -26.92 -6.46 10.57
N SER B 174 -26.16 -6.07 11.59
CA SER B 174 -26.14 -4.68 12.01
C SER B 174 -25.62 -3.74 10.93
N VAL B 175 -24.56 -4.13 10.22
CA VAL B 175 -24.10 -3.26 9.13
C VAL B 175 -25.09 -3.26 7.98
N PHE B 176 -25.87 -4.31 7.80
CA PHE B 176 -26.93 -4.22 6.82
C PHE B 176 -27.89 -3.10 7.17
N TYR B 177 -28.32 -3.02 8.42
CA TYR B 177 -29.23 -1.95 8.81
C TYR B 177 -28.58 -0.59 8.62
N TYR B 178 -27.27 -0.49 8.87
CA TYR B 178 -26.57 0.75 8.64
C TYR B 178 -26.36 1.06 7.16
N GLU B 179 -25.54 0.26 6.49
CA GLU B 179 -25.14 0.61 5.13
C GLU B 179 -26.29 0.57 4.14
N ILE B 180 -27.23 -0.37 4.30
CA ILE B 180 -28.26 -0.55 3.29
C ILE B 180 -29.55 0.19 3.65
N LEU B 181 -29.98 0.14 4.89
CA LEU B 181 -31.21 0.84 5.28
C LEU B 181 -30.95 2.19 5.94
N ASN B 182 -29.70 2.53 6.24
CA ASN B 182 -29.37 3.81 6.85
C ASN B 182 -30.24 4.12 8.07
N SER B 183 -30.40 3.14 8.96
CA SER B 183 -31.25 3.29 10.14
C SER B 183 -30.42 2.96 11.37
N PRO B 184 -29.48 3.82 11.73
CA PRO B 184 -28.40 3.38 12.61
C PRO B 184 -28.85 2.96 13.99
N GLU B 185 -29.97 3.49 14.48
CA GLU B 185 -30.47 3.04 15.78
C GLU B 185 -30.71 1.54 15.76
N LYS B 186 -31.18 1.02 14.64
CA LYS B 186 -31.38 -0.41 14.54
C LYS B 186 -30.04 -1.12 14.61
N ALA B 187 -29.04 -0.57 13.91
CA ALA B 187 -27.69 -1.09 13.99
C ALA B 187 -27.14 -0.99 15.41
N CYS B 188 -27.36 0.15 16.05
CA CYS B 188 -26.97 0.27 17.46
C CYS B 188 -27.61 -0.83 18.29
N SER B 189 -28.91 -1.04 18.10
CA SER B 189 -29.62 -2.05 18.89
C SER B 189 -28.96 -3.41 18.76
N LEU B 190 -28.85 -3.94 17.54
CA LEU B 190 -28.23 -5.24 17.34
C LEU B 190 -26.82 -5.27 17.92
N ALA B 191 -25.99 -4.32 17.53
CA ALA B 191 -24.58 -4.39 17.91
C ALA B 191 -24.41 -4.33 19.42
N LYS B 192 -25.13 -3.45 20.08
CA LYS B 192 -25.00 -3.32 21.53
C LYS B 192 -25.43 -4.60 22.23
N THR B 193 -26.56 -5.17 21.83
CA THR B 193 -27.01 -6.42 22.41
C THR B 193 -25.95 -7.50 22.25
N ALA B 194 -25.53 -7.76 21.02
CA ALA B 194 -24.63 -8.87 20.77
C ALA B 194 -23.29 -8.70 21.46
N PHE B 195 -22.78 -7.48 21.54
CA PHE B 195 -21.57 -7.23 22.32
C PHE B 195 -21.79 -7.54 23.78
N ASP B 196 -22.80 -6.93 24.39
CA ASP B 196 -23.04 -7.11 25.81
C ASP B 196 -23.32 -8.57 26.17
N GLU B 197 -24.10 -9.27 25.33
CA GLU B 197 -24.44 -10.65 25.64
C GLU B 197 -23.22 -11.59 25.63
N ALA B 198 -22.33 -11.43 24.66
CA ALA B 198 -21.11 -12.24 24.65
C ALA B 198 -20.18 -11.88 25.81
N ILE B 199 -20.06 -10.59 26.10
CA ILE B 199 -19.30 -10.17 27.27
C ILE B 199 -19.86 -10.81 28.54
N ALA B 200 -21.17 -10.83 28.67
CA ALA B 200 -21.78 -11.51 29.81
C ALA B 200 -21.49 -13.01 29.83
N GLU B 201 -21.05 -13.56 28.70
CA GLU B 201 -20.74 -14.98 28.61
C GLU B 201 -19.25 -15.28 28.56
N LEU B 202 -18.39 -14.27 28.76
CA LEU B 202 -16.96 -14.49 28.72
C LEU B 202 -16.47 -15.49 29.75
N ASP B 203 -17.32 -15.87 30.70
CA ASP B 203 -16.96 -16.88 31.69
C ASP B 203 -16.70 -18.25 31.08
N THR B 204 -17.06 -18.48 29.82
CA THR B 204 -16.56 -19.66 29.12
C THR B 204 -16.35 -19.33 27.65
N LEU B 205 -15.25 -19.84 27.10
CA LEU B 205 -14.94 -19.72 25.68
C LEU B 205 -14.26 -21.01 25.24
N SER B 206 -14.64 -21.50 24.05
CA SER B 206 -13.83 -22.53 23.41
C SER B 206 -12.51 -21.95 22.92
N GLU B 207 -11.45 -22.74 23.05
CA GLU B 207 -10.09 -22.21 23.05
C GLU B 207 -9.70 -21.59 21.72
N GLU B 208 -10.31 -22.00 20.61
CA GLU B 208 -10.13 -21.28 19.36
C GLU B 208 -11.16 -20.16 19.22
N SER B 209 -12.43 -20.46 19.51
CA SER B 209 -13.44 -19.42 19.53
C SER B 209 -12.98 -18.25 20.39
N TYR B 210 -12.26 -18.56 21.46
CA TYR B 210 -11.55 -17.58 22.26
C TYR B 210 -10.94 -16.48 21.40
N LYS B 211 -10.22 -16.85 20.34
CA LYS B 211 -9.68 -15.85 19.43
C LYS B 211 -10.77 -15.23 18.57
N ASP B 212 -11.46 -16.07 17.79
CA ASP B 212 -12.37 -15.54 16.79
C ASP B 212 -13.48 -14.72 17.42
N SER B 213 -13.99 -15.17 18.55
CA SER B 213 -15.01 -14.41 19.25
C SER B 213 -14.47 -13.06 19.68
N THR B 214 -13.35 -13.06 20.41
CA THR B 214 -12.80 -11.78 20.85
C THR B 214 -12.42 -10.91 19.66
N LEU B 215 -11.91 -11.52 18.59
CA LEU B 215 -11.65 -10.77 17.37
C LEU B 215 -12.92 -10.12 16.82
N ILE B 216 -13.94 -10.93 16.57
CA ILE B 216 -15.19 -10.38 16.06
C ILE B 216 -15.79 -9.36 17.02
N MET B 217 -15.76 -9.66 18.32
CA MET B 217 -16.26 -8.69 19.28
C MET B 217 -15.56 -7.34 19.13
N GLN B 218 -14.25 -7.36 18.93
CA GLN B 218 -13.53 -6.11 18.77
C GLN B 218 -13.93 -5.38 17.50
N LEU B 219 -14.15 -6.12 16.41
CA LEU B 219 -14.68 -5.46 15.23
C LEU B 219 -16.08 -4.90 15.48
N LEU B 220 -16.89 -5.63 16.25
CA LEU B 220 -18.22 -5.11 16.58
C LEU B 220 -18.14 -3.84 17.41
N ARG B 221 -17.23 -3.81 18.39
CA ARG B 221 -17.03 -2.62 19.21
C ARG B 221 -16.51 -1.44 18.41
N ASP B 222 -15.68 -1.69 17.42
CA ASP B 222 -15.28 -0.63 16.51
C ASP B 222 -16.48 -0.02 15.79
N ASN B 223 -17.32 -0.86 15.20
CA ASN B 223 -18.48 -0.36 14.47
C ASN B 223 -19.38 0.47 15.36
N LEU B 224 -19.62 0.01 16.58
CA LEU B 224 -20.39 0.81 17.52
C LEU B 224 -19.87 2.24 17.60
N THR B 225 -18.55 2.40 17.62
CA THR B 225 -17.99 3.74 17.76
C THR B 225 -18.38 4.64 16.60
N LEU B 226 -18.17 4.17 15.37
CA LEU B 226 -18.43 5.02 14.21
C LEU B 226 -19.90 5.39 14.09
N TRP B 227 -20.79 4.53 14.59
CA TRP B 227 -22.21 4.87 14.63
C TRP B 227 -22.57 5.68 15.86
N THR B 228 -21.82 5.51 16.95
CA THR B 228 -22.16 6.20 18.19
C THR B 228 -21.62 7.62 18.22
N SER B 229 -20.42 7.84 17.71
CA SER B 229 -19.80 9.17 17.75
C SER B 229 -20.78 10.23 17.25
N ASP C 1 -9.26 5.10 -31.42
CA ASP C 1 -9.51 4.33 -30.20
C ASP C 1 -8.39 4.57 -29.20
N LYS C 2 -7.23 4.99 -29.72
CA LYS C 2 -6.01 4.90 -28.94
C LYS C 2 -6.11 5.68 -27.65
N ASN C 3 -6.73 6.87 -27.69
CA ASN C 3 -7.01 7.59 -26.46
C ASN C 3 -7.87 6.75 -25.52
N GLU C 4 -8.75 5.93 -26.08
CA GLU C 4 -9.65 5.14 -25.25
C GLU C 4 -8.92 3.98 -24.59
N LEU C 5 -8.27 3.15 -25.39
CA LEU C 5 -7.63 1.96 -24.86
C LEU C 5 -6.66 2.31 -23.74
N VAL C 6 -5.86 3.36 -23.93
CA VAL C 6 -5.05 3.86 -22.82
C VAL C 6 -5.93 4.37 -21.69
N GLN C 7 -7.11 4.90 -22.01
CA GLN C 7 -8.02 5.32 -20.95
C GLN C 7 -8.51 4.14 -20.12
N LYS C 8 -8.97 3.06 -20.77
CA LYS C 8 -9.37 1.88 -20.02
C LYS C 8 -8.23 1.31 -19.20
N ALA C 9 -7.04 1.22 -19.79
CA ALA C 9 -5.88 0.77 -19.04
C ALA C 9 -5.65 1.63 -17.81
N LYS C 10 -5.70 2.94 -17.96
CA LYS C 10 -5.49 3.81 -16.81
C LYS C 10 -6.49 3.55 -15.70
N LEU C 11 -7.76 3.31 -16.05
CA LEU C 11 -8.72 2.89 -15.04
C LEU C 11 -8.38 1.53 -14.48
N ALA C 12 -8.12 0.56 -15.35
CA ALA C 12 -7.99 -0.83 -14.92
C ALA C 12 -6.91 -0.98 -13.87
N GLU C 13 -5.86 -0.17 -13.93
CA GLU C 13 -4.88 -0.19 -12.85
C GLU C 13 -5.51 0.22 -11.53
N GLN C 14 -6.23 1.34 -11.52
CA GLN C 14 -6.85 1.78 -10.29
C GLN C 14 -7.84 0.74 -9.79
N ALA C 15 -8.54 0.08 -10.70
CA ALA C 15 -9.43 -1.02 -10.32
C ALA C 15 -8.66 -2.27 -9.90
N GLU C 16 -7.34 -2.29 -10.06
CA GLU C 16 -6.54 -3.49 -9.79
C GLU C 16 -7.02 -4.70 -10.57
N ARG C 17 -7.58 -4.49 -11.75
CA ARG C 17 -7.98 -5.60 -12.61
C ARG C 17 -6.92 -5.81 -13.70
N TYR C 18 -5.69 -6.04 -13.24
CA TYR C 18 -4.53 -5.96 -14.12
C TYR C 18 -4.63 -6.90 -15.30
N ASP C 19 -5.25 -8.05 -15.12
CA ASP C 19 -5.48 -8.94 -16.24
C ASP C 19 -6.20 -8.22 -17.37
N ASP C 20 -7.29 -7.53 -17.06
CA ASP C 20 -7.98 -6.77 -18.08
C ASP C 20 -7.18 -5.60 -18.59
N MET C 21 -6.30 -5.03 -17.76
CA MET C 21 -5.38 -4.00 -18.25
C MET C 21 -4.44 -4.52 -19.31
N ALA C 22 -3.88 -5.71 -19.14
CA ALA C 22 -3.01 -6.26 -20.17
C ALA C 22 -3.78 -6.55 -21.45
N ALA C 23 -4.94 -7.19 -21.34
CA ALA C 23 -5.72 -7.48 -22.54
C ALA C 23 -6.04 -6.22 -23.33
N CYS C 24 -6.44 -5.16 -22.65
CA CYS C 24 -6.58 -3.86 -23.31
C CYS C 24 -5.24 -3.33 -23.82
N MET C 25 -4.27 -3.21 -22.92
CA MET C 25 -3.10 -2.40 -23.23
C MET C 25 -2.35 -2.92 -24.45
N LYS C 26 -2.20 -4.22 -24.58
CA LYS C 26 -1.52 -4.72 -25.78
C LYS C 26 -2.34 -4.45 -27.04
N SER C 27 -3.63 -4.17 -26.91
CA SER C 27 -4.39 -3.73 -28.07
C SER C 27 -3.85 -2.42 -28.61
N VAL C 28 -3.17 -1.64 -27.78
CA VAL C 28 -2.47 -0.46 -28.25
C VAL C 28 -1.26 -0.84 -29.10
N THR C 29 -0.41 -1.73 -28.59
CA THR C 29 0.76 -2.13 -29.35
C THR C 29 0.40 -2.84 -30.64
N GLU C 30 -0.68 -3.59 -30.66
CA GLU C 30 -1.08 -4.22 -31.91
C GLU C 30 -1.63 -3.23 -32.92
N GLN C 31 -1.72 -1.94 -32.58
CA GLN C 31 -1.87 -0.93 -33.61
C GLN C 31 -0.65 -0.80 -34.50
N GLY C 32 0.50 -1.30 -34.06
CA GLY C 32 1.72 -1.16 -34.82
C GLY C 32 2.38 0.18 -34.73
N ALA C 33 1.68 1.21 -34.25
CA ALA C 33 2.31 2.50 -34.01
C ALA C 33 3.21 2.44 -32.79
N GLU C 34 4.12 3.42 -32.73
CA GLU C 34 5.04 3.55 -31.61
C GLU C 34 4.30 3.86 -30.33
N LEU C 35 4.79 3.33 -29.21
CA LEU C 35 4.25 3.70 -27.91
C LEU C 35 4.84 5.01 -27.44
N SER C 36 4.02 5.80 -26.76
CA SER C 36 4.52 6.93 -25.99
C SER C 36 5.31 6.46 -24.79
N ASN C 37 6.07 7.39 -24.22
CA ASN C 37 6.83 7.09 -23.01
C ASN C 37 5.92 6.77 -21.84
N GLU C 38 4.65 7.17 -21.90
CA GLU C 38 3.68 6.71 -20.92
C GLU C 38 3.19 5.30 -21.22
N GLU C 39 2.75 5.07 -22.45
CA GLU C 39 2.20 3.77 -22.82
C GLU C 39 3.18 2.65 -22.51
N ARG C 40 4.47 2.89 -22.72
CA ARG C 40 5.46 1.87 -22.39
C ARG C 40 5.39 1.47 -20.92
N ASN C 41 5.30 2.43 -20.00
CA ASN C 41 5.20 2.04 -18.60
C ASN C 41 3.90 1.32 -18.29
N LEU C 42 2.80 1.70 -18.92
CA LEU C 42 1.55 0.99 -18.67
C LEU C 42 1.59 -0.43 -19.18
N LEU C 43 2.19 -0.66 -20.34
CA LEU C 43 2.34 -2.03 -20.82
C LEU C 43 3.21 -2.85 -19.88
N SER C 44 4.36 -2.31 -19.48
CA SER C 44 5.27 -3.09 -18.66
C SER C 44 4.70 -3.39 -17.28
N VAL C 45 3.98 -2.44 -16.69
CA VAL C 45 3.41 -2.69 -15.37
C VAL C 45 2.27 -3.70 -15.43
N ALA C 46 1.47 -3.68 -16.50
CA ALA C 46 0.42 -4.68 -16.63
C ALA C 46 0.98 -6.09 -16.67
N TYR C 47 1.81 -6.38 -17.67
CA TYR C 47 2.31 -7.74 -17.82
C TYR C 47 3.20 -8.19 -16.69
N LYS C 48 3.99 -7.31 -16.09
CA LYS C 48 4.83 -7.78 -15.00
C LYS C 48 3.99 -8.35 -13.87
N ASN C 49 3.07 -7.58 -13.34
CA ASN C 49 2.33 -8.03 -12.19
C ASN C 49 1.23 -9.03 -12.53
N VAL C 50 0.77 -9.06 -13.79
CA VAL C 50 -0.07 -10.18 -14.21
C VAL C 50 0.69 -11.49 -14.16
N VAL C 51 1.93 -11.49 -14.63
CA VAL C 51 2.80 -12.65 -14.40
C VAL C 51 3.14 -12.78 -12.94
N GLY C 52 3.29 -11.66 -12.24
CA GLY C 52 3.59 -11.71 -10.82
C GLY C 52 2.65 -12.60 -10.05
N ALA C 53 1.35 -12.48 -10.31
CA ALA C 53 0.39 -13.37 -9.67
C ALA C 53 0.69 -14.84 -9.96
N ARG C 54 1.14 -15.15 -11.17
CA ARG C 54 1.48 -16.54 -11.48
C ARG C 54 2.82 -16.96 -10.89
N ARG C 55 3.80 -16.08 -10.85
CA ARG C 55 5.08 -16.44 -10.27
C ARG C 55 4.96 -16.76 -8.78
N SER C 56 4.33 -15.88 -8.01
CA SER C 56 4.23 -16.12 -6.58
C SER C 56 3.43 -17.39 -6.29
N SER C 57 2.32 -17.59 -6.98
CA SER C 57 1.57 -18.81 -6.80
C SER C 57 2.36 -20.05 -7.22
N TRP C 58 3.10 -19.96 -8.32
CA TRP C 58 3.96 -21.08 -8.69
C TRP C 58 4.99 -21.38 -7.61
N ARG C 59 5.55 -20.34 -6.99
CA ARG C 59 6.49 -20.58 -5.89
C ARG C 59 5.82 -21.30 -4.73
N VAL C 60 4.63 -20.85 -4.35
CA VAL C 60 3.95 -21.45 -3.21
C VAL C 60 3.58 -22.90 -3.47
N VAL C 61 2.91 -23.19 -4.59
CA VAL C 61 2.52 -24.57 -4.81
C VAL C 61 3.73 -25.46 -4.99
N SER C 62 4.78 -24.93 -5.61
CA SER C 62 6.01 -25.71 -5.70
C SER C 62 6.63 -25.93 -4.33
N SER C 63 6.54 -24.93 -3.45
CA SER C 63 7.07 -25.12 -2.10
C SER C 63 6.35 -26.24 -1.37
N ILE C 64 5.01 -26.27 -1.43
CA ILE C 64 4.28 -27.34 -0.77
C ILE C 64 4.34 -28.65 -1.53
N GLU C 65 4.71 -28.64 -2.81
CA GLU C 65 5.19 -29.87 -3.42
C GLU C 65 6.45 -30.36 -2.71
N GLN C 66 7.48 -29.53 -2.66
CA GLN C 66 8.75 -29.96 -2.08
C GLN C 66 8.59 -30.39 -0.63
N LYS C 67 7.77 -29.67 0.14
CA LYS C 67 7.53 -30.08 1.52
C LYS C 67 6.74 -31.38 1.63
N THR C 68 6.06 -31.79 0.57
CA THR C 68 5.37 -33.06 0.60
C THR C 68 6.32 -34.17 0.21
N GLU C 72 0.95 -40.05 0.53
CA GLU C 72 1.38 -38.77 0.00
C GLU C 72 0.84 -38.62 -1.43
N LYS C 73 -0.19 -39.41 -1.72
CA LYS C 73 -0.79 -39.43 -3.05
C LYS C 73 -1.22 -38.05 -3.53
N LYS C 74 -1.52 -37.12 -2.60
CA LYS C 74 -1.80 -35.74 -2.98
C LYS C 74 -0.69 -35.12 -3.82
N GLN C 75 0.53 -35.64 -3.75
CA GLN C 75 1.61 -35.14 -4.59
C GLN C 75 1.21 -35.06 -6.06
N GLN C 76 0.43 -36.03 -6.54
CA GLN C 76 0.02 -35.99 -7.94
C GLN C 76 -0.88 -34.80 -8.23
N MET C 77 -1.87 -34.55 -7.37
CA MET C 77 -2.70 -33.36 -7.53
C MET C 77 -1.86 -32.10 -7.56
N ALA C 78 -0.93 -31.97 -6.61
CA ALA C 78 -0.05 -30.81 -6.56
C ALA C 78 0.78 -30.69 -7.83
N ARG C 79 1.32 -31.79 -8.32
CA ARG C 79 2.17 -31.74 -9.50
C ARG C 79 1.38 -31.31 -10.74
N GLU C 80 0.20 -31.89 -10.96
CA GLU C 80 -0.60 -31.43 -12.09
C GLU C 80 -1.02 -29.98 -11.94
N TYR C 81 -1.30 -29.53 -10.73
CA TYR C 81 -1.59 -28.12 -10.54
C TYR C 81 -0.38 -27.24 -10.80
N ARG C 82 0.80 -27.67 -10.38
CA ARG C 82 2.00 -26.94 -10.75
C ARG C 82 2.13 -26.81 -12.26
N GLU C 83 1.85 -27.89 -12.98
CA GLU C 83 1.84 -27.80 -14.43
C GLU C 83 0.72 -26.91 -14.95
N LYS C 84 -0.42 -26.89 -14.27
CA LYS C 84 -1.48 -25.97 -14.67
C LYS C 84 -1.03 -24.52 -14.56
N ILE C 85 -0.48 -24.14 -13.41
CA ILE C 85 -0.04 -22.77 -13.24
C ILE C 85 1.18 -22.48 -14.11
N GLU C 86 2.03 -23.48 -14.34
CA GLU C 86 3.14 -23.31 -15.27
C GLU C 86 2.70 -23.03 -16.70
N THR C 87 1.69 -23.74 -17.20
CA THR C 87 1.28 -23.44 -18.57
C THR C 87 0.67 -22.05 -18.68
N GLU C 88 -0.17 -21.64 -17.74
CA GLU C 88 -0.71 -20.29 -17.82
C GLU C 88 0.40 -19.26 -17.76
N LEU C 89 1.37 -19.47 -16.87
CA LEU C 89 2.55 -18.62 -16.83
C LEU C 89 3.29 -18.64 -18.16
N ARG C 90 3.63 -19.83 -18.64
CA ARG C 90 4.36 -19.95 -19.88
C ARG C 90 3.59 -19.30 -21.03
N ASP C 91 2.27 -19.46 -21.05
CA ASP C 91 1.47 -18.99 -22.17
C ASP C 91 1.34 -17.47 -22.16
N ILE C 92 1.12 -16.85 -21.00
CA ILE C 92 1.12 -15.40 -20.96
C ILE C 92 2.49 -14.83 -21.24
N CYS C 93 3.55 -15.51 -20.80
CA CYS C 93 4.90 -15.02 -21.03
C CYS C 93 5.29 -15.08 -22.50
N ASN C 94 4.89 -16.14 -23.21
CA ASN C 94 5.07 -16.18 -24.65
C ASN C 94 4.36 -15.03 -25.35
N ASP C 95 3.19 -14.64 -24.86
CA ASP C 95 2.45 -13.55 -25.47
C ASP C 95 3.25 -12.26 -25.49
N VAL C 96 3.69 -11.80 -24.32
CA VAL C 96 4.43 -10.54 -24.28
C VAL C 96 5.73 -10.64 -25.05
N LEU C 97 6.38 -11.79 -25.01
CA LEU C 97 7.56 -12.00 -25.85
C LEU C 97 7.21 -11.83 -27.32
N SER C 98 6.21 -12.57 -27.79
CA SER C 98 5.85 -12.48 -29.20
C SER C 98 5.46 -11.06 -29.56
N LEU C 99 4.76 -10.37 -28.67
CA LEU C 99 4.38 -8.99 -28.95
C LEU C 99 5.59 -8.10 -29.16
N LEU C 100 6.49 -8.04 -28.17
CA LEU C 100 7.56 -7.06 -28.25
C LEU C 100 8.63 -7.47 -29.24
N GLU C 101 8.72 -8.76 -29.57
CA GLU C 101 9.56 -9.19 -30.69
C GLU C 101 8.90 -8.83 -32.01
N LYS C 102 7.59 -9.12 -32.14
CA LYS C 102 6.89 -8.91 -33.39
C LYS C 102 6.74 -7.43 -33.73
N PHE C 103 6.67 -6.55 -32.73
CA PHE C 103 6.37 -5.15 -33.00
C PHE C 103 7.36 -4.17 -32.39
N LEU C 104 7.52 -4.19 -31.07
CA LEU C 104 8.03 -3.02 -30.37
C LEU C 104 9.53 -2.81 -30.59
N ILE C 105 10.32 -3.85 -30.41
CA ILE C 105 11.77 -3.72 -30.60
C ILE C 105 12.13 -3.18 -31.99
N PRO C 106 11.57 -3.69 -33.08
CA PRO C 106 11.88 -3.13 -34.41
C PRO C 106 11.29 -1.76 -34.68
N ASN C 107 10.57 -1.14 -33.75
CA ASN C 107 9.92 0.13 -34.01
C ASN C 107 10.13 1.11 -32.85
N ALA C 108 11.41 1.39 -32.57
CA ALA C 108 11.77 2.41 -31.58
C ALA C 108 13.12 3.04 -31.89
N SER C 109 13.58 2.98 -33.14
CA SER C 109 14.98 3.15 -33.50
C SER C 109 15.59 4.40 -32.86
N GLN C 110 16.65 4.17 -32.08
CA GLN C 110 17.39 5.18 -31.32
C GLN C 110 16.54 5.97 -30.36
N ALA C 111 15.30 5.58 -30.11
CA ALA C 111 14.72 5.89 -28.82
C ALA C 111 15.23 4.86 -27.84
N GLU C 112 15.58 5.30 -26.64
CA GLU C 112 16.15 4.34 -25.70
C GLU C 112 15.10 3.45 -25.06
N SER C 113 13.84 3.60 -25.45
CA SER C 113 12.90 2.48 -25.38
C SER C 113 13.48 1.26 -26.06
N LYS C 114 14.36 1.46 -27.04
CA LYS C 114 15.07 0.35 -27.65
C LYS C 114 15.86 -0.45 -26.62
N VAL C 115 16.38 0.21 -25.59
CA VAL C 115 16.92 -0.52 -24.46
C VAL C 115 15.81 -1.17 -23.65
N PHE C 116 14.80 -0.38 -23.30
CA PHE C 116 13.74 -0.87 -22.43
C PHE C 116 13.09 -2.13 -22.94
N TYR C 117 12.79 -2.20 -24.23
CA TYR C 117 12.17 -3.41 -24.77
C TYR C 117 13.12 -4.61 -24.81
N LEU C 118 14.42 -4.41 -25.00
CA LEU C 118 15.33 -5.53 -24.83
C LEU C 118 15.38 -6.03 -23.39
N LYS C 119 15.40 -5.12 -22.43
CA LYS C 119 15.33 -5.52 -21.03
C LYS C 119 14.09 -6.36 -20.74
N MET C 120 12.94 -5.96 -21.27
CA MET C 120 11.77 -6.81 -21.11
C MET C 120 12.00 -8.19 -21.72
N LYS C 121 12.54 -8.24 -22.92
CA LYS C 121 12.76 -9.56 -23.52
C LYS C 121 13.63 -10.42 -22.61
N GLY C 122 14.66 -9.83 -22.03
CA GLY C 122 15.45 -10.55 -21.05
C GLY C 122 14.61 -11.05 -19.88
N ASP C 123 13.85 -10.16 -19.27
CA ASP C 123 13.07 -10.50 -18.09
C ASP C 123 12.09 -11.64 -18.36
N TYR C 124 11.37 -11.58 -19.46
CA TYR C 124 10.38 -12.63 -19.70
C TYR C 124 11.01 -13.97 -19.99
N TYR C 125 12.10 -14.03 -20.75
CA TYR C 125 12.82 -15.30 -20.82
C TYR C 125 13.33 -15.70 -19.45
N ARG C 126 13.75 -14.74 -18.64
CA ARG C 126 14.19 -15.08 -17.30
C ARG C 126 13.07 -15.75 -16.51
N TYR C 127 11.84 -15.27 -16.65
CA TYR C 127 10.73 -15.94 -15.98
C TYR C 127 10.48 -17.34 -16.53
N LEU C 128 10.62 -17.53 -17.84
CA LEU C 128 10.59 -18.90 -18.35
C LEU C 128 11.74 -19.74 -17.83
N ALA C 129 12.90 -19.14 -17.59
CA ALA C 129 13.99 -19.91 -17.01
C ALA C 129 13.76 -20.31 -15.57
N GLU C 130 12.87 -19.64 -14.85
CA GLU C 130 12.43 -20.17 -13.56
C GLU C 130 11.54 -21.40 -13.74
N VAL C 131 10.64 -21.36 -14.73
CA VAL C 131 9.72 -22.47 -14.95
C VAL C 131 10.45 -23.66 -15.56
N ALA C 132 11.37 -23.43 -16.47
CA ALA C 132 11.93 -24.51 -17.27
C ALA C 132 12.60 -25.56 -16.40
N ALA C 133 12.66 -26.78 -16.93
CA ALA C 133 13.56 -27.80 -16.42
C ALA C 133 14.82 -27.84 -17.29
N GLY C 134 15.69 -28.80 -17.00
CA GLY C 134 16.98 -28.85 -17.67
C GLY C 134 16.90 -28.71 -19.17
N ASP C 135 15.91 -29.35 -19.80
CA ASP C 135 15.85 -29.35 -21.26
C ASP C 135 15.68 -27.93 -21.80
N ASP C 136 14.52 -27.32 -21.53
CA ASP C 136 14.24 -26.01 -22.11
C ASP C 136 15.17 -24.95 -21.57
N LYS C 137 15.66 -25.14 -20.34
CA LYS C 137 16.28 -24.05 -19.60
C LYS C 137 17.42 -23.41 -20.38
N LYS C 138 18.34 -24.23 -20.90
CA LYS C 138 19.44 -23.66 -21.67
C LYS C 138 18.96 -23.01 -22.96
N GLY C 139 18.06 -23.66 -23.68
CA GLY C 139 17.52 -23.05 -24.89
C GLY C 139 16.87 -21.72 -24.61
N ILE C 140 16.15 -21.62 -23.50
CA ILE C 140 15.57 -20.33 -23.09
C ILE C 140 16.65 -19.39 -22.58
N VAL C 141 17.52 -19.87 -21.69
CA VAL C 141 18.49 -18.99 -21.05
C VAL C 141 19.43 -18.35 -22.06
N ASP C 142 19.84 -19.09 -23.09
CA ASP C 142 20.62 -18.47 -24.15
C ASP C 142 19.91 -17.26 -24.72
N GLN C 143 18.64 -17.41 -25.05
CA GLN C 143 17.86 -16.31 -25.61
C GLN C 143 17.73 -15.15 -24.64
N SER C 144 17.55 -15.44 -23.36
CA SER C 144 17.51 -14.40 -22.33
C SER C 144 18.81 -13.60 -22.26
N GLN C 145 19.95 -14.27 -22.23
CA GLN C 145 21.22 -13.55 -22.06
C GLN C 145 21.56 -12.71 -23.28
N GLN C 146 21.25 -13.21 -24.48
CA GLN C 146 21.42 -12.40 -25.67
C GLN C 146 20.68 -11.07 -25.53
N ALA C 147 19.44 -11.12 -25.02
CA ALA C 147 18.71 -9.89 -24.80
C ALA C 147 19.42 -8.98 -23.80
N TYR C 148 19.67 -9.47 -22.58
CA TYR C 148 20.30 -8.59 -21.59
C TYR C 148 21.67 -8.12 -22.05
N GLN C 149 22.49 -9.02 -22.56
CA GLN C 149 23.84 -8.59 -22.92
C GLN C 149 23.83 -7.60 -24.08
N GLU C 150 22.82 -7.67 -24.93
CA GLU C 150 22.67 -6.64 -25.95
C GLU C 150 22.09 -5.35 -25.41
N ALA C 151 21.40 -5.40 -24.28
CA ALA C 151 20.64 -4.25 -23.78
C ALA C 151 21.58 -3.20 -23.17
N PHE C 152 22.51 -2.71 -23.99
CA PHE C 152 23.45 -1.69 -23.54
C PHE C 152 23.52 -0.53 -24.52
N GLU C 153 23.63 0.67 -23.97
CA GLU C 153 23.85 1.88 -24.75
C GLU C 153 25.31 2.00 -25.16
N PRO C 161 23.59 7.74 -17.23
CA PRO C 161 24.27 6.57 -16.69
C PRO C 161 23.77 6.22 -15.30
N THR C 162 23.20 7.22 -14.62
CA THR C 162 22.35 7.01 -13.46
C THR C 162 20.92 6.65 -13.82
N HIS C 163 20.58 6.68 -15.11
CA HIS C 163 19.19 6.53 -15.52
C HIS C 163 18.58 5.30 -14.85
N PRO C 164 17.35 5.41 -14.35
CA PRO C 164 16.69 4.23 -13.76
C PRO C 164 16.77 2.97 -14.58
N ILE C 165 16.63 3.09 -15.90
CA ILE C 165 16.67 1.91 -16.75
C ILE C 165 18.06 1.29 -16.74
N ARG C 166 19.10 2.10 -16.89
CA ARG C 166 20.43 1.50 -16.92
C ARG C 166 20.72 0.82 -15.59
N LEU C 167 20.38 1.47 -14.48
CA LEU C 167 20.49 0.79 -13.19
C LEU C 167 19.49 -0.36 -13.11
N GLY C 168 18.30 -0.15 -13.65
CA GLY C 168 17.29 -1.21 -13.62
C GLY C 168 17.74 -2.45 -14.36
N LEU C 169 18.31 -2.26 -15.55
CA LEU C 169 18.95 -3.37 -16.23
C LEU C 169 20.03 -3.99 -15.36
N ALA C 170 20.94 -3.18 -14.83
CA ALA C 170 22.05 -3.73 -14.07
C ALA C 170 21.57 -4.52 -12.87
N LEU C 171 20.62 -3.97 -12.12
CA LEU C 171 20.02 -4.73 -11.03
C LEU C 171 19.42 -6.03 -11.56
N ASN C 172 18.50 -5.91 -12.52
CA ASN C 172 17.80 -7.09 -13.02
C ASN C 172 18.76 -8.08 -13.67
N PHE C 173 19.70 -7.58 -14.46
CA PHE C 173 20.63 -8.45 -15.16
C PHE C 173 21.61 -9.13 -14.22
N SER C 174 22.12 -8.40 -13.24
CA SER C 174 22.97 -9.03 -12.25
C SER C 174 22.25 -10.12 -11.48
N VAL C 175 20.98 -9.91 -11.14
CA VAL C 175 20.22 -10.97 -10.47
C VAL C 175 19.95 -12.14 -11.39
N PHE C 176 19.84 -11.91 -12.69
CA PHE C 176 19.81 -13.04 -13.61
C PHE C 176 21.04 -13.93 -13.45
N TYR C 177 22.23 -13.32 -13.42
CA TYR C 177 23.44 -14.11 -13.21
C TYR C 177 23.45 -14.84 -11.88
N TYR C 178 22.92 -14.22 -10.82
CA TYR C 178 22.93 -14.88 -9.53
C TYR C 178 21.91 -16.00 -9.44
N GLU C 179 20.68 -15.75 -9.86
CA GLU C 179 19.64 -16.72 -9.61
C GLU C 179 19.65 -17.89 -10.59
N ILE C 180 20.04 -17.68 -11.83
CA ILE C 180 19.82 -18.65 -12.90
C ILE C 180 21.12 -19.23 -13.41
N LEU C 181 22.12 -18.39 -13.68
CA LEU C 181 23.45 -18.93 -13.92
C LEU C 181 24.14 -19.36 -12.64
N ASN C 182 23.73 -18.81 -11.50
CA ASN C 182 24.37 -19.11 -10.22
C ASN C 182 25.86 -18.82 -10.25
N SER C 183 26.20 -17.62 -10.70
CA SER C 183 27.60 -17.20 -10.83
C SER C 183 27.80 -15.90 -10.06
N PRO C 184 27.94 -15.98 -8.74
CA PRO C 184 27.99 -14.76 -7.93
C PRO C 184 29.10 -13.82 -8.33
N GLU C 185 30.20 -14.33 -8.90
CA GLU C 185 31.27 -13.45 -9.34
C GLU C 185 30.77 -12.46 -10.37
N LYS C 186 30.00 -12.93 -11.36
CA LYS C 186 29.42 -11.99 -12.31
C LYS C 186 28.45 -11.05 -11.62
N ALA C 187 27.53 -11.60 -10.84
CA ALA C 187 26.49 -10.79 -10.24
C ALA C 187 27.08 -9.71 -9.35
N CYS C 188 27.96 -10.09 -8.43
CA CYS C 188 28.65 -9.11 -7.60
C CYS C 188 29.43 -8.12 -8.47
N SER C 189 30.18 -8.64 -9.44
CA SER C 189 30.93 -7.76 -10.33
C SER C 189 30.03 -6.71 -10.97
N LEU C 190 28.96 -7.14 -11.63
CA LEU C 190 28.02 -6.19 -12.22
C LEU C 190 27.44 -5.26 -11.17
N ALA C 191 26.80 -5.82 -10.15
CA ALA C 191 26.04 -4.98 -9.24
C ALA C 191 26.92 -3.94 -8.56
N LYS C 192 28.06 -4.36 -8.05
CA LYS C 192 28.96 -3.40 -7.41
C LYS C 192 29.43 -2.36 -8.41
N THR C 193 29.81 -2.80 -9.60
CA THR C 193 30.25 -1.87 -10.63
C THR C 193 29.17 -0.82 -10.90
N ALA C 194 27.96 -1.27 -11.17
CA ALA C 194 26.87 -0.36 -11.49
C ALA C 194 26.50 0.53 -10.32
N PHE C 195 26.53 -0.01 -9.10
CA PHE C 195 26.26 0.79 -7.91
C PHE C 195 27.25 1.93 -7.73
N ASP C 196 28.55 1.65 -7.86
CA ASP C 196 29.53 2.73 -7.79
C ASP C 196 29.27 3.80 -8.84
N GLU C 197 29.04 3.39 -10.08
CA GLU C 197 28.75 4.37 -11.12
C GLU C 197 27.48 5.15 -10.87
N ALA C 198 26.61 4.68 -9.98
CA ALA C 198 25.54 5.53 -9.47
C ALA C 198 26.03 6.46 -8.37
N ILE C 199 26.49 5.90 -7.25
CA ILE C 199 26.65 6.68 -6.04
C ILE C 199 27.82 7.64 -6.11
N ALA C 200 28.79 7.36 -6.97
CA ALA C 200 29.85 8.33 -7.23
C ALA C 200 29.36 9.53 -8.01
N GLU C 201 28.13 9.52 -8.53
CA GLU C 201 27.74 10.47 -9.56
C GLU C 201 26.50 11.25 -9.18
N LEU C 202 25.41 10.55 -8.88
CA LEU C 202 24.17 11.17 -8.42
C LEU C 202 23.83 12.42 -9.22
N ASP C 203 23.55 13.53 -8.53
CA ASP C 203 23.43 14.86 -9.12
C ASP C 203 22.22 15.03 -10.04
N THR C 204 21.85 14.02 -10.83
CA THR C 204 20.66 14.08 -11.68
C THR C 204 19.38 13.98 -10.88
N LEU C 205 19.49 13.65 -9.60
CA LEU C 205 18.44 12.93 -8.88
C LEU C 205 17.07 13.60 -8.96
N SER C 206 17.00 14.90 -8.67
CA SER C 206 15.69 15.55 -8.59
C SER C 206 14.97 15.52 -9.93
N GLU C 207 15.61 16.00 -10.98
CA GLU C 207 15.02 15.95 -12.31
C GLU C 207 14.98 14.52 -12.84
N GLU C 208 15.90 13.67 -12.37
CA GLU C 208 15.85 12.25 -12.68
C GLU C 208 14.64 11.57 -12.05
N SER C 209 13.96 12.20 -11.09
CA SER C 209 13.00 11.55 -10.21
C SER C 209 13.68 10.44 -9.40
N TYR C 210 14.60 10.89 -8.56
CA TYR C 210 15.27 10.09 -7.56
C TYR C 210 14.34 9.12 -6.85
N LYS C 211 13.06 9.49 -6.73
CA LYS C 211 12.02 8.61 -6.22
C LYS C 211 12.10 7.19 -6.78
N ASP C 212 12.56 7.04 -8.01
CA ASP C 212 12.81 5.72 -8.59
C ASP C 212 14.25 5.26 -8.38
N SER C 213 15.20 6.04 -8.86
CA SER C 213 16.57 5.57 -8.98
C SER C 213 17.24 5.27 -7.64
N THR C 214 16.86 5.97 -6.58
CA THR C 214 17.41 5.64 -5.28
C THR C 214 17.01 4.24 -4.82
N LEU C 215 15.78 3.83 -5.13
CA LEU C 215 15.34 2.50 -4.70
C LEU C 215 16.16 1.41 -5.37
N ILE C 216 16.29 1.49 -6.69
CA ILE C 216 17.09 0.52 -7.41
C ILE C 216 18.53 0.58 -6.92
N MET C 217 19.04 1.79 -6.69
CA MET C 217 20.37 1.92 -6.12
C MET C 217 20.46 1.24 -4.76
N GLN C 218 19.43 1.39 -3.93
CA GLN C 218 19.44 0.71 -2.65
C GLN C 218 19.33 -0.80 -2.80
N LEU C 219 18.46 -1.26 -3.71
CA LEU C 219 18.29 -2.70 -3.89
C LEU C 219 19.56 -3.37 -4.38
N LEU C 220 20.39 -2.63 -5.12
CA LEU C 220 21.73 -3.10 -5.40
C LEU C 220 22.54 -3.31 -4.13
N ARG C 221 22.56 -2.30 -3.26
CA ARG C 221 23.34 -2.43 -2.02
C ARG C 221 22.93 -3.64 -1.20
N ASP C 222 21.63 -3.80 -0.98
CA ASP C 222 21.15 -4.88 -0.12
C ASP C 222 21.11 -6.25 -0.79
N ASN C 223 20.91 -6.30 -2.11
CA ASN C 223 21.14 -7.56 -2.83
C ASN C 223 22.60 -8.01 -2.72
N LEU C 224 23.53 -7.08 -2.93
CA LEU C 224 24.93 -7.41 -2.69
C LEU C 224 25.10 -7.95 -1.29
N THR C 225 24.43 -7.32 -0.34
CA THR C 225 24.50 -7.75 1.05
C THR C 225 23.91 -9.15 1.24
N LEU C 226 22.96 -9.55 0.41
CA LEU C 226 22.49 -10.92 0.46
C LEU C 226 23.51 -11.86 -0.16
N TRP C 227 24.10 -11.48 -1.29
CA TRP C 227 24.98 -12.41 -2.00
C TRP C 227 26.35 -12.48 -1.35
N THR C 228 26.81 -11.39 -0.75
CA THR C 228 28.11 -11.38 -0.09
C THR C 228 28.11 -12.36 1.08
ZN ZN D . 10.90 -7.58 5.16
ZN ZN E . -3.69 -7.48 13.45
#